data_2NSV
#
_entry.id   2NSV
#
_entity_poly.entity_id   1
_entity_poly.type   'polypeptide(L)'
_entity_poly.pdbx_seq_one_letter_code
;NPEDWFTPDTCAYGDSNTAWTTCTTPGQTCYTCCSSCFDVVGEQACQMSAQC
;
_entity_poly.pdbx_strand_id   A
#
# COMPACT_ATOMS: atom_id res chain seq x y z
N ASN A 1 -4.09 -7.30 -7.98
CA ASN A 1 -3.42 -7.74 -6.77
C ASN A 1 -2.00 -7.16 -6.73
N PRO A 2 -1.64 -6.61 -5.54
CA PRO A 2 -0.32 -6.02 -5.38
C PRO A 2 0.75 -7.10 -5.25
N GLU A 3 0.72 -8.04 -6.18
CA GLU A 3 1.68 -9.13 -6.19
C GLU A 3 2.98 -8.69 -6.90
N ASP A 4 2.79 -7.98 -7.99
CA ASP A 4 3.93 -7.50 -8.76
C ASP A 4 4.49 -6.23 -8.11
N TRP A 5 3.68 -5.65 -7.23
CA TRP A 5 4.08 -4.44 -6.53
C TRP A 5 4.19 -4.76 -5.04
N PHE A 6 4.06 -3.72 -4.23
CA PHE A 6 4.14 -3.89 -2.79
C PHE A 6 5.48 -4.51 -2.38
N THR A 7 6.16 -3.82 -1.48
CA THR A 7 7.45 -4.29 -0.99
C THR A 7 7.38 -4.59 0.50
N PRO A 8 7.20 -5.91 0.81
CA PRO A 8 7.12 -6.35 2.20
C PRO A 8 8.49 -6.34 2.86
N ASP A 9 9.49 -5.96 2.08
CA ASP A 9 10.85 -5.90 2.58
C ASP A 9 11.12 -4.52 3.18
N THR A 10 10.18 -3.61 2.95
CA THR A 10 10.30 -2.27 3.47
C THR A 10 8.94 -1.76 3.95
N CYS A 11 8.26 -2.61 4.71
CA CYS A 11 6.95 -2.26 5.24
C CYS A 11 6.67 -3.14 6.46
N ALA A 12 5.80 -2.66 7.31
CA ALA A 12 5.43 -3.39 8.51
C ALA A 12 4.73 -4.69 8.12
N TYR A 13 3.87 -4.58 7.13
CA TYR A 13 3.13 -5.74 6.66
C TYR A 13 3.94 -6.53 5.63
N GLY A 14 3.95 -7.84 5.81
CA GLY A 14 4.69 -8.71 4.91
C GLY A 14 3.76 -9.28 3.83
N ASP A 15 2.53 -8.79 3.81
CA ASP A 15 1.55 -9.24 2.84
C ASP A 15 1.11 -8.05 1.99
N SER A 16 0.95 -8.31 0.70
CA SER A 16 0.54 -7.27 -0.23
C SER A 16 -0.97 -7.04 -0.10
N ASN A 17 -1.68 -8.09 0.27
CA ASN A 17 -3.12 -8.01 0.43
C ASN A 17 -3.43 -7.14 1.65
N THR A 18 -3.06 -7.65 2.81
CA THR A 18 -3.30 -6.94 4.06
C THR A 18 -2.69 -5.54 3.99
N ALA A 19 -1.55 -5.44 3.32
CA ALA A 19 -0.87 -4.17 3.18
C ALA A 19 -1.78 -3.20 2.43
N TRP A 20 -2.09 -3.55 1.20
CA TRP A 20 -2.94 -2.72 0.36
C TRP A 20 -4.24 -2.47 1.12
N THR A 21 -4.83 -3.54 1.61
CA THR A 21 -6.07 -3.45 2.36
C THR A 21 -5.92 -2.47 3.53
N THR A 22 -4.96 -2.78 4.40
CA THR A 22 -4.70 -1.94 5.54
C THR A 22 -4.32 -0.52 5.10
N CYS A 23 -3.95 -0.41 3.84
CA CYS A 23 -3.57 0.88 3.29
C CYS A 23 -4.85 1.61 2.85
N THR A 24 -5.78 0.84 2.31
CA THR A 24 -7.05 1.40 1.87
C THR A 24 -8.02 1.53 3.04
N THR A 25 -7.53 2.16 4.10
CA THR A 25 -8.35 2.37 5.29
C THR A 25 -8.17 3.78 5.83
N PRO A 26 -9.14 4.21 6.66
CA PRO A 26 -9.10 5.54 7.25
C PRO A 26 -8.06 5.61 8.38
N GLY A 27 -7.13 6.53 8.21
CA GLY A 27 -6.08 6.71 9.21
C GLY A 27 -5.30 8.01 8.95
N GLN A 28 -4.09 8.04 9.47
CA GLN A 28 -3.24 9.20 9.31
C GLN A 28 -2.30 9.01 8.12
N THR A 29 -1.81 7.78 7.97
CA THR A 29 -0.91 7.46 6.89
C THR A 29 -1.54 6.43 5.96
N CYS A 30 -2.76 6.73 5.53
CA CYS A 30 -3.50 5.84 4.65
C CYS A 30 -2.86 5.93 3.25
N TYR A 31 -2.61 7.16 2.83
CA TYR A 31 -2.01 7.39 1.53
C TYR A 31 -0.49 7.48 1.64
N THR A 32 -0.02 7.57 2.87
CA THR A 32 1.41 7.66 3.12
C THR A 32 2.02 6.25 3.21
N CYS A 33 1.21 5.32 3.66
CA CYS A 33 1.66 3.94 3.81
C CYS A 33 1.95 3.39 2.41
N CYS A 34 1.08 3.74 1.47
CA CYS A 34 1.22 3.28 0.10
C CYS A 34 2.62 3.70 -0.39
N SER A 35 3.05 4.85 0.09
CA SER A 35 4.36 5.37 -0.29
C SER A 35 5.46 4.66 0.48
N SER A 36 5.04 3.71 1.32
CA SER A 36 5.97 2.95 2.12
C SER A 36 5.56 1.47 2.14
N CYS A 37 4.70 1.12 1.20
CA CYS A 37 4.23 -0.25 1.09
C CYS A 37 4.10 -0.61 -0.39
N PHE A 38 4.77 0.19 -1.21
CA PHE A 38 4.74 -0.03 -2.65
C PHE A 38 5.95 0.63 -3.32
N ASP A 39 6.08 0.37 -4.61
CA ASP A 39 7.18 0.92 -5.38
C ASP A 39 6.67 2.07 -6.24
N VAL A 40 6.06 1.72 -7.37
CA VAL A 40 5.53 2.70 -8.28
C VAL A 40 4.08 2.34 -8.64
N VAL A 41 3.89 1.07 -8.98
CA VAL A 41 2.58 0.58 -9.35
C VAL A 41 1.72 0.44 -8.09
N GLY A 42 2.32 -0.16 -7.07
CA GLY A 42 1.64 -0.37 -5.80
C GLY A 42 1.19 0.96 -5.20
N GLU A 43 2.05 1.96 -5.36
CA GLU A 43 1.77 3.28 -4.83
C GLU A 43 0.79 4.03 -5.75
N GLN A 44 1.11 4.02 -7.04
CA GLN A 44 0.28 4.67 -8.03
C GLN A 44 -1.08 3.98 -8.12
N ALA A 45 -1.09 2.71 -7.78
CA ALA A 45 -2.30 1.91 -7.81
C ALA A 45 -3.08 2.12 -6.52
N CYS A 46 -2.33 2.30 -5.44
CA CYS A 46 -2.93 2.50 -4.13
C CYS A 46 -3.34 3.97 -4.01
N GLN A 47 -2.69 4.81 -4.83
CA GLN A 47 -2.97 6.23 -4.82
C GLN A 47 -4.43 6.48 -5.16
N MET A 48 -4.83 6.00 -6.33
CA MET A 48 -6.20 6.17 -6.78
C MET A 48 -7.16 5.32 -5.95
N SER A 49 -6.71 4.13 -5.59
CA SER A 49 -7.51 3.23 -4.80
C SER A 49 -7.74 3.82 -3.41
N ALA A 50 -6.65 4.26 -2.80
CA ALA A 50 -6.72 4.84 -1.47
C ALA A 50 -7.85 5.88 -1.44
N GLN A 51 -8.86 5.58 -0.64
CA GLN A 51 -10.00 6.48 -0.51
C GLN A 51 -9.89 7.29 0.79
N CYS A 52 -8.75 7.94 0.94
CA CYS A 52 -8.51 8.76 2.12
C CYS A 52 -8.23 10.19 1.67
N ASN A 1 -3.51 -6.99 -8.31
CA ASN A 1 -2.52 -7.93 -7.78
C ASN A 1 -1.26 -7.17 -7.37
N PRO A 2 -1.15 -6.93 -6.03
CA PRO A 2 0.00 -6.22 -5.50
C PRO A 2 1.25 -7.11 -5.48
N GLU A 3 1.06 -8.33 -5.97
CA GLU A 3 2.16 -9.29 -6.02
C GLU A 3 3.33 -8.72 -6.83
N ASP A 4 2.97 -7.96 -7.86
CA ASP A 4 3.98 -7.36 -8.72
C ASP A 4 4.51 -6.09 -8.06
N TRP A 5 3.76 -5.61 -7.07
CA TRP A 5 4.15 -4.42 -6.36
C TRP A 5 4.29 -4.77 -4.87
N PHE A 6 4.12 -3.76 -4.04
CA PHE A 6 4.23 -3.94 -2.60
C PHE A 6 5.57 -4.55 -2.22
N THR A 7 6.32 -3.80 -1.43
CA THR A 7 7.63 -4.25 -0.99
C THR A 7 7.61 -4.55 0.51
N PRO A 8 7.46 -5.86 0.84
CA PRO A 8 7.43 -6.28 2.23
C PRO A 8 8.83 -6.26 2.84
N ASP A 9 9.80 -5.93 2.00
CA ASP A 9 11.18 -5.88 2.46
C ASP A 9 11.47 -4.49 3.02
N THR A 10 10.48 -3.63 2.92
CA THR A 10 10.60 -2.28 3.42
C THR A 10 9.27 -1.78 3.99
N CYS A 11 8.59 -2.68 4.68
CA CYS A 11 7.30 -2.36 5.28
C CYS A 11 7.15 -3.18 6.56
N ALA A 12 6.01 -2.99 7.21
CA ALA A 12 5.73 -3.70 8.45
C ALA A 12 4.82 -4.90 8.14
N TYR A 13 4.08 -4.77 7.05
CA TYR A 13 3.17 -5.83 6.64
C TYR A 13 3.90 -6.89 5.81
N GLY A 14 3.53 -8.14 6.03
CA GLY A 14 4.14 -9.24 5.32
C GLY A 14 3.24 -9.72 4.17
N ASP A 15 1.99 -9.30 4.24
CA ASP A 15 1.02 -9.67 3.23
C ASP A 15 0.77 -8.47 2.31
N SER A 16 0.59 -8.78 1.03
CA SER A 16 0.34 -7.74 0.04
C SER A 16 -1.15 -7.38 0.02
N ASN A 17 -1.97 -8.42 0.15
CA ASN A 17 -3.41 -8.23 0.14
C ASN A 17 -3.82 -7.41 1.37
N THR A 18 -3.36 -7.86 2.53
CA THR A 18 -3.67 -7.18 3.77
C THR A 18 -2.99 -5.81 3.81
N ALA A 19 -1.81 -5.75 3.21
CA ALA A 19 -1.04 -4.51 3.17
C ALA A 19 -1.84 -3.44 2.44
N TRP A 20 -2.19 -3.76 1.19
CA TRP A 20 -2.95 -2.83 0.37
C TRP A 20 -4.23 -2.48 1.13
N THR A 21 -4.95 -3.52 1.55
CA THR A 21 -6.19 -3.34 2.27
C THR A 21 -5.95 -2.49 3.52
N THR A 22 -4.80 -2.71 4.14
CA THR A 22 -4.44 -1.98 5.35
C THR A 22 -4.00 -0.55 4.98
N CYS A 23 -3.66 -0.37 3.71
CA CYS A 23 -3.24 0.93 3.23
C CYS A 23 -4.47 1.69 2.75
N THR A 24 -5.39 0.94 2.15
CA THR A 24 -6.61 1.54 1.63
C THR A 24 -7.66 1.67 2.76
N THR A 25 -7.26 2.36 3.81
CA THR A 25 -8.15 2.56 4.95
C THR A 25 -8.04 4.01 5.44
N PRO A 26 -9.11 4.43 6.17
CA PRO A 26 -9.16 5.79 6.70
C PRO A 26 -8.24 5.93 7.92
N GLY A 27 -7.31 6.86 7.81
CA GLY A 27 -6.36 7.10 8.89
C GLY A 27 -5.60 8.41 8.67
N GLN A 28 -4.34 8.39 9.07
CA GLN A 28 -3.50 9.56 8.92
C GLN A 28 -2.42 9.32 7.86
N THR A 29 -1.84 8.13 7.91
CA THR A 29 -0.81 7.75 6.97
C THR A 29 -1.33 6.69 6.00
N CYS A 30 -2.57 6.89 5.56
CA CYS A 30 -3.19 5.98 4.63
C CYS A 30 -2.46 6.07 3.29
N TYR A 31 -2.51 7.27 2.71
CA TYR A 31 -1.87 7.50 1.43
C TYR A 31 -0.34 7.58 1.59
N THR A 32 0.08 7.71 2.85
CA THR A 32 1.50 7.79 3.15
C THR A 32 2.15 6.40 3.04
N CYS A 33 1.43 5.41 3.54
CA CYS A 33 1.92 4.05 3.50
C CYS A 33 1.81 3.53 2.06
N CYS A 34 0.99 4.22 1.28
CA CYS A 34 0.78 3.85 -0.10
C CYS A 34 2.09 4.05 -0.86
N SER A 35 3.03 4.71 -0.19
CA SER A 35 4.33 4.97 -0.79
C SER A 35 5.42 4.22 -0.01
N SER A 36 4.98 3.49 1.00
CA SER A 36 5.91 2.72 1.82
C SER A 36 5.71 1.22 1.57
N CYS A 37 4.44 0.83 1.48
CA CYS A 37 4.11 -0.56 1.25
C CYS A 37 3.94 -0.77 -0.26
N PHE A 38 4.61 0.09 -1.02
CA PHE A 38 4.53 0.01 -2.47
C PHE A 38 5.75 0.68 -3.12
N ASP A 39 5.86 0.50 -4.43
CA ASP A 39 6.96 1.08 -5.18
C ASP A 39 6.42 2.16 -6.11
N VAL A 40 6.36 1.82 -7.38
CA VAL A 40 5.87 2.74 -8.39
C VAL A 40 4.38 2.51 -8.62
N VAL A 41 4.04 1.26 -8.91
CA VAL A 41 2.66 0.89 -9.15
C VAL A 41 1.90 0.92 -7.82
N GLY A 42 2.28 0.02 -6.93
CA GLY A 42 1.65 -0.06 -5.63
C GLY A 42 1.27 1.32 -5.11
N GLU A 43 2.07 2.31 -5.49
CA GLU A 43 1.83 3.67 -5.08
C GLU A 43 0.73 4.30 -5.94
N GLN A 44 1.00 4.35 -7.23
CA GLN A 44 0.05 4.92 -8.18
C GLN A 44 -1.23 4.10 -8.20
N ALA A 45 -1.12 2.87 -7.72
CA ALA A 45 -2.27 1.98 -7.68
C ALA A 45 -3.06 2.22 -6.39
N CYS A 46 -2.32 2.40 -5.30
CA CYS A 46 -2.95 2.66 -4.02
C CYS A 46 -3.48 4.09 -4.00
N GLN A 47 -2.81 4.94 -4.76
CA GLN A 47 -3.21 6.33 -4.85
C GLN A 47 -4.67 6.45 -5.29
N MET A 48 -4.98 5.77 -6.39
CA MET A 48 -6.33 5.79 -6.92
C MET A 48 -7.31 5.10 -5.96
N SER A 49 -6.78 4.11 -5.25
CA SER A 49 -7.60 3.37 -4.30
C SER A 49 -7.49 4.00 -2.92
N ALA A 50 -6.79 5.12 -2.87
CA ALA A 50 -6.60 5.83 -1.62
C ALA A 50 -7.96 6.32 -1.10
N GLN A 51 -8.65 5.40 -0.44
CA GLN A 51 -9.97 5.72 0.10
C GLN A 51 -9.84 6.19 1.56
N CYS A 52 -9.21 7.35 1.72
CA CYS A 52 -9.03 7.92 3.04
C CYS A 52 -9.37 9.40 2.98
N ASN A 1 -2.81 -7.63 -9.29
CA ASN A 1 -2.44 -8.02 -7.94
C ASN A 1 -1.19 -7.24 -7.52
N PRO A 2 -1.07 -7.02 -6.19
CA PRO A 2 0.06 -6.29 -5.64
C PRO A 2 1.32 -7.17 -5.64
N GLU A 3 1.15 -8.38 -6.12
CA GLU A 3 2.26 -9.33 -6.17
C GLU A 3 3.42 -8.74 -6.99
N ASP A 4 3.05 -7.90 -7.94
CA ASP A 4 4.04 -7.26 -8.80
C ASP A 4 4.56 -5.99 -8.12
N TRP A 5 3.80 -5.54 -7.12
CA TRP A 5 4.16 -4.34 -6.39
C TRP A 5 4.26 -4.71 -4.91
N PHE A 6 4.07 -3.71 -4.07
CA PHE A 6 4.13 -3.90 -2.63
C PHE A 6 5.48 -4.49 -2.22
N THR A 7 6.21 -3.71 -1.44
CA THR A 7 7.52 -4.12 -0.97
C THR A 7 7.48 -4.42 0.53
N PRO A 8 7.37 -5.73 0.87
CA PRO A 8 7.33 -6.15 2.26
C PRO A 8 8.71 -6.07 2.91
N ASP A 9 9.70 -5.88 2.06
CA ASP A 9 11.08 -5.78 2.53
C ASP A 9 11.30 -4.40 3.17
N THR A 10 10.29 -3.56 3.03
CA THR A 10 10.36 -2.21 3.59
C THR A 10 8.98 -1.78 4.10
N CYS A 11 8.29 -2.72 4.72
CA CYS A 11 6.97 -2.45 5.26
C CYS A 11 6.73 -3.40 6.43
N ALA A 12 5.72 -3.06 7.24
CA ALA A 12 5.38 -3.87 8.39
C ALA A 12 4.22 -4.80 8.03
N TYR A 13 4.40 -5.53 6.93
CA TYR A 13 3.38 -6.45 6.46
C TYR A 13 4.02 -7.69 5.82
N GLY A 14 3.38 -8.83 6.06
CA GLY A 14 3.87 -10.08 5.51
C GLY A 14 3.08 -10.48 4.26
N ASP A 15 1.89 -9.90 4.14
CA ASP A 15 1.04 -10.19 3.00
C ASP A 15 0.82 -8.90 2.20
N SER A 16 0.68 -9.07 0.89
CA SER A 16 0.47 -7.94 0.01
C SER A 16 -1.00 -7.52 0.03
N ASN A 17 -1.86 -8.51 0.22
CA ASN A 17 -3.29 -8.26 0.26
C ASN A 17 -3.62 -7.39 1.48
N THR A 18 -3.08 -7.82 2.62
CA THR A 18 -3.30 -7.10 3.87
C THR A 18 -2.63 -5.73 3.82
N ALA A 19 -1.49 -5.69 3.15
CA ALA A 19 -0.74 -4.45 3.02
C ALA A 19 -1.59 -3.41 2.31
N TRP A 20 -1.98 -3.74 1.08
CA TRP A 20 -2.80 -2.85 0.28
C TRP A 20 -4.07 -2.53 1.09
N THR A 21 -4.66 -3.57 1.64
CA THR A 21 -5.87 -3.42 2.42
C THR A 21 -5.64 -2.41 3.56
N THR A 22 -4.69 -2.74 4.42
CA THR A 22 -4.37 -1.87 5.53
C THR A 22 -3.96 -0.49 5.05
N CYS A 23 -3.58 -0.44 3.78
CA CYS A 23 -3.16 0.81 3.16
C CYS A 23 -4.42 1.61 2.80
N THR A 24 -5.40 0.90 2.27
CA THR A 24 -6.65 1.53 1.87
C THR A 24 -7.59 1.64 3.07
N THR A 25 -7.16 2.45 4.04
CA THR A 25 -7.95 2.66 5.24
C THR A 25 -7.80 4.10 5.73
N PRO A 26 -8.82 4.56 6.51
CA PRO A 26 -8.80 5.91 7.04
C PRO A 26 -7.82 6.02 8.21
N GLY A 27 -6.99 7.06 8.15
CA GLY A 27 -6.01 7.29 9.19
C GLY A 27 -5.25 8.60 8.94
N GLN A 28 -3.98 8.58 9.29
CA GLN A 28 -3.14 9.76 9.12
C GLN A 28 -2.13 9.51 7.99
N THR A 29 -1.83 8.25 7.76
CA THR A 29 -0.89 7.88 6.71
C THR A 29 -1.53 6.90 5.74
N CYS A 30 -2.79 7.16 5.42
CA CYS A 30 -3.53 6.31 4.51
C CYS A 30 -2.75 6.22 3.19
N TYR A 31 -2.75 7.33 2.46
CA TYR A 31 -2.05 7.39 1.20
C TYR A 31 -0.54 7.26 1.40
N THR A 32 -0.09 7.68 2.58
CA THR A 32 1.32 7.61 2.90
C THR A 32 1.79 6.16 2.96
N CYS A 33 0.98 5.33 3.60
CA CYS A 33 1.29 3.91 3.73
C CYS A 33 1.53 3.35 2.33
N CYS A 34 0.72 3.81 1.39
CA CYS A 34 0.83 3.35 0.01
C CYS A 34 2.20 3.77 -0.52
N SER A 35 2.74 4.81 0.08
CA SER A 35 4.05 5.31 -0.31
C SER A 35 5.14 4.72 0.59
N SER A 36 4.69 3.89 1.52
CA SER A 36 5.62 3.25 2.44
C SER A 36 5.42 1.72 2.41
N CYS A 37 4.81 1.26 1.32
CA CYS A 37 4.56 -0.16 1.15
C CYS A 37 4.80 -0.52 -0.32
N PHE A 38 4.20 0.28 -1.19
CA PHE A 38 4.34 0.06 -2.62
C PHE A 38 5.58 0.76 -3.16
N ASP A 39 5.81 0.57 -4.45
CA ASP A 39 6.95 1.18 -5.11
C ASP A 39 6.47 2.30 -6.02
N VAL A 40 6.48 2.01 -7.32
CA VAL A 40 6.05 2.99 -8.31
C VAL A 40 4.57 2.75 -8.64
N VAL A 41 4.28 1.52 -9.03
CA VAL A 41 2.92 1.14 -9.39
C VAL A 41 2.07 1.08 -8.11
N GLY A 42 2.30 0.04 -7.33
CA GLY A 42 1.56 -0.14 -6.10
C GLY A 42 1.22 1.20 -5.46
N GLU A 43 2.13 2.15 -5.64
CA GLU A 43 1.95 3.48 -5.08
C GLU A 43 0.88 4.24 -5.87
N GLN A 44 1.12 4.35 -7.16
CA GLN A 44 0.19 5.06 -8.03
C GLN A 44 -1.07 4.22 -8.24
N ALA A 45 -0.98 2.96 -7.86
CA ALA A 45 -2.10 2.04 -8.00
C ALA A 45 -3.00 2.17 -6.76
N CYS A 46 -2.36 2.25 -5.61
CA CYS A 46 -3.09 2.37 -4.35
C CYS A 46 -3.67 3.79 -4.27
N GLN A 47 -3.07 4.68 -5.03
CA GLN A 47 -3.51 6.07 -5.06
C GLN A 47 -5.00 6.14 -5.38
N MET A 48 -5.39 5.44 -6.44
CA MET A 48 -6.77 5.41 -6.87
C MET A 48 -7.65 4.76 -5.80
N SER A 49 -7.09 3.75 -5.16
CA SER A 49 -7.81 3.03 -4.12
C SER A 49 -7.70 3.77 -2.79
N ALA A 50 -6.89 4.81 -2.80
CA ALA A 50 -6.69 5.62 -1.60
C ALA A 50 -8.03 6.18 -1.14
N GLN A 51 -8.60 5.53 -0.14
CA GLN A 51 -9.88 5.97 0.41
C GLN A 51 -9.67 6.96 1.55
N CYS A 52 -8.92 8.01 1.24
CA CYS A 52 -8.63 9.03 2.23
C CYS A 52 -8.80 10.40 1.58
N ASN A 1 -3.12 -7.54 -9.00
CA ASN A 1 -2.71 -7.91 -7.66
C ASN A 1 -1.41 -7.18 -7.32
N PRO A 2 -1.25 -6.89 -5.99
CA PRO A 2 -0.06 -6.19 -5.51
C PRO A 2 1.15 -7.13 -5.50
N GLU A 3 0.92 -8.35 -5.95
CA GLU A 3 1.99 -9.34 -5.99
C GLU A 3 3.13 -8.85 -6.88
N ASP A 4 2.78 -7.99 -7.83
CA ASP A 4 3.76 -7.45 -8.74
C ASP A 4 4.34 -6.16 -8.16
N TRP A 5 3.71 -5.70 -7.08
CA TRP A 5 4.14 -4.48 -6.43
C TRP A 5 4.27 -4.77 -4.92
N PHE A 6 4.12 -3.72 -4.14
CA PHE A 6 4.22 -3.85 -2.69
C PHE A 6 5.57 -4.42 -2.28
N THR A 7 6.29 -3.64 -1.49
CA THR A 7 7.60 -4.05 -1.02
C THR A 7 7.56 -4.37 0.47
N PRO A 8 7.50 -5.70 0.78
CA PRO A 8 7.45 -6.15 2.15
C PRO A 8 8.82 -6.03 2.82
N ASP A 9 9.78 -5.54 2.05
CA ASP A 9 11.13 -5.36 2.55
C ASP A 9 11.27 -3.96 3.14
N THR A 10 10.21 -3.18 3.02
CA THR A 10 10.21 -1.83 3.53
C THR A 10 8.81 -1.46 4.06
N CYS A 11 8.20 -2.43 4.72
CA CYS A 11 6.88 -2.23 5.29
C CYS A 11 6.67 -3.23 6.42
N ALA A 12 5.67 -2.95 7.25
CA ALA A 12 5.36 -3.81 8.37
C ALA A 12 4.18 -4.72 8.00
N TYR A 13 4.33 -5.40 6.87
CA TYR A 13 3.29 -6.29 6.40
C TYR A 13 3.90 -7.53 5.73
N GLY A 14 3.27 -8.67 5.98
CA GLY A 14 3.74 -9.92 5.41
C GLY A 14 3.01 -10.23 4.10
N ASP A 15 1.72 -9.93 4.09
CA ASP A 15 0.91 -10.17 2.92
C ASP A 15 0.73 -8.85 2.15
N SER A 16 0.60 -8.98 0.83
CA SER A 16 0.42 -7.82 -0.02
C SER A 16 -1.05 -7.40 -0.04
N ASN A 17 -1.92 -8.40 0.03
CA ASN A 17 -3.35 -8.16 0.03
C ASN A 17 -3.74 -7.39 1.28
N THR A 18 -3.29 -7.90 2.42
CA THR A 18 -3.58 -7.27 3.69
C THR A 18 -2.88 -5.91 3.80
N ALA A 19 -1.68 -5.86 3.24
CA ALA A 19 -0.90 -4.63 3.26
C ALA A 19 -1.68 -3.53 2.54
N TRP A 20 -1.99 -3.78 1.28
CA TRP A 20 -2.73 -2.83 0.49
C TRP A 20 -4.01 -2.47 1.23
N THR A 21 -4.74 -3.52 1.63
CA THR A 21 -5.98 -3.33 2.36
C THR A 21 -5.75 -2.47 3.60
N THR A 22 -4.77 -2.88 4.39
CA THR A 22 -4.43 -2.15 5.61
C THR A 22 -3.99 -0.73 5.28
N CYS A 23 -3.43 -0.58 4.08
CA CYS A 23 -2.96 0.72 3.62
C CYS A 23 -4.17 1.53 3.16
N THR A 24 -5.10 0.85 2.50
CA THR A 24 -6.29 1.49 2.01
C THR A 24 -7.35 1.58 3.11
N THR A 25 -7.03 2.35 4.13
CA THR A 25 -7.94 2.53 5.26
C THR A 25 -7.91 3.98 5.73
N PRO A 26 -8.98 4.35 6.49
CA PRO A 26 -9.09 5.71 7.02
C PRO A 26 -8.13 5.91 8.19
N GLY A 27 -7.23 6.86 8.01
CA GLY A 27 -6.25 7.19 9.04
C GLY A 27 -5.61 8.54 8.78
N GLN A 28 -4.31 8.61 9.06
CA GLN A 28 -3.57 9.85 8.87
C GLN A 28 -2.56 9.69 7.74
N THR A 29 -1.83 8.58 7.79
CA THR A 29 -0.83 8.30 6.78
C THR A 29 -1.28 7.11 5.91
N CYS A 30 -2.54 7.13 5.54
CA CYS A 30 -3.10 6.07 4.71
C CYS A 30 -2.45 6.15 3.33
N TYR A 31 -2.62 7.31 2.70
CA TYR A 31 -2.06 7.52 1.38
C TYR A 31 -0.54 7.70 1.45
N THR A 32 -0.04 7.81 2.67
CA THR A 32 1.39 7.98 2.89
C THR A 32 2.06 6.61 3.09
N CYS A 33 1.30 5.69 3.66
CA CYS A 33 1.80 4.35 3.91
C CYS A 33 1.98 3.64 2.57
N CYS A 34 1.10 3.98 1.64
CA CYS A 34 1.14 3.39 0.31
C CYS A 34 2.54 3.62 -0.28
N SER A 35 3.07 4.81 0.00
CA SER A 35 4.40 5.16 -0.49
C SER A 35 5.46 4.41 0.30
N SER A 36 5.01 3.62 1.26
CA SER A 36 5.91 2.85 2.09
C SER A 36 5.52 1.37 2.06
N CYS A 37 4.54 1.08 1.22
CA CYS A 37 4.05 -0.29 1.09
C CYS A 37 3.92 -0.61 -0.40
N PHE A 38 4.58 0.21 -1.22
CA PHE A 38 4.54 0.03 -2.66
C PHE A 38 5.76 0.68 -3.31
N ASP A 39 5.90 0.41 -4.61
CA ASP A 39 7.01 0.97 -5.37
C ASP A 39 6.49 2.05 -6.30
N VAL A 40 6.40 1.70 -7.58
CA VAL A 40 5.93 2.63 -8.58
C VAL A 40 4.42 2.43 -8.79
N VAL A 41 4.07 1.18 -9.08
CA VAL A 41 2.68 0.84 -9.30
C VAL A 41 1.91 0.90 -7.98
N GLY A 42 2.20 -0.08 -7.12
CA GLY A 42 1.55 -0.14 -5.83
C GLY A 42 1.26 1.26 -5.28
N GLU A 43 2.16 2.18 -5.60
CA GLU A 43 2.02 3.55 -5.15
C GLU A 43 0.93 4.27 -5.97
N GLN A 44 1.16 4.32 -7.28
CA GLN A 44 0.22 4.96 -8.17
C GLN A 44 -1.09 4.18 -8.22
N ALA A 45 -1.02 2.94 -7.74
CA ALA A 45 -2.19 2.08 -7.73
C ALA A 45 -3.00 2.35 -6.46
N CYS A 46 -2.29 2.36 -5.34
CA CYS A 46 -2.94 2.60 -4.06
C CYS A 46 -3.43 4.04 -4.03
N GLN A 47 -2.77 4.88 -4.82
CA GLN A 47 -3.14 6.28 -4.90
C GLN A 47 -4.58 6.43 -5.37
N MET A 48 -4.89 5.73 -6.46
CA MET A 48 -6.22 5.78 -7.03
C MET A 48 -7.25 5.18 -6.06
N SER A 49 -6.90 4.02 -5.52
CA SER A 49 -7.77 3.33 -4.59
C SER A 49 -7.78 4.07 -3.25
N ALA A 50 -6.80 4.93 -3.07
CA ALA A 50 -6.69 5.70 -1.84
C ALA A 50 -8.06 6.26 -1.47
N GLN A 51 -8.75 5.54 -0.60
CA GLN A 51 -10.07 5.95 -0.16
C GLN A 51 -10.03 6.36 1.31
N CYS A 52 -9.14 7.28 1.62
CA CYS A 52 -8.99 7.76 2.99
C CYS A 52 -9.24 9.27 2.99
N ASN A 1 -2.96 -7.29 -9.54
CA ASN A 1 -2.82 -7.55 -8.12
C ASN A 1 -1.50 -6.94 -7.62
N PRO A 2 -1.43 -6.73 -6.28
CA PRO A 2 -0.25 -6.16 -5.67
C PRO A 2 0.88 -7.19 -5.60
N GLU A 3 0.60 -8.37 -6.13
CA GLU A 3 1.59 -9.44 -6.15
C GLU A 3 2.77 -9.06 -7.04
N ASP A 4 2.58 -7.99 -7.80
CA ASP A 4 3.62 -7.52 -8.69
C ASP A 4 4.25 -6.26 -8.11
N TRP A 5 3.63 -5.75 -7.05
CA TRP A 5 4.13 -4.55 -6.39
C TRP A 5 4.22 -4.85 -4.90
N PHE A 6 4.09 -3.79 -4.11
CA PHE A 6 4.17 -3.92 -2.66
C PHE A 6 5.50 -4.54 -2.24
N THR A 7 6.25 -3.77 -1.44
CA THR A 7 7.54 -4.23 -0.96
C THR A 7 7.46 -4.56 0.53
N PRO A 8 7.37 -5.89 0.82
CA PRO A 8 7.29 -6.35 2.20
C PRO A 8 8.65 -6.26 2.88
N ASP A 9 9.63 -5.77 2.13
CA ASP A 9 10.98 -5.62 2.65
C ASP A 9 11.16 -4.21 3.21
N THR A 10 10.12 -3.41 3.04
CA THR A 10 10.15 -2.03 3.51
C THR A 10 8.78 -1.61 4.04
N CYS A 11 8.13 -2.55 4.72
CA CYS A 11 6.82 -2.29 5.28
C CYS A 11 6.66 -3.13 6.54
N ALA A 12 5.68 -2.75 7.35
CA ALA A 12 5.41 -3.46 8.59
C ALA A 12 4.82 -4.83 8.27
N TYR A 13 3.89 -4.84 7.32
CA TYR A 13 3.25 -6.08 6.91
C TYR A 13 4.07 -6.79 5.84
N GLY A 14 3.88 -8.10 5.77
CA GLY A 14 4.60 -8.91 4.81
C GLY A 14 3.67 -9.34 3.66
N ASP A 15 2.39 -9.08 3.86
CA ASP A 15 1.40 -9.43 2.85
C ASP A 15 1.03 -8.19 2.04
N SER A 16 0.90 -8.38 0.74
CA SER A 16 0.55 -7.28 -0.14
C SER A 16 -0.96 -7.05 -0.13
N ASN A 17 -1.69 -8.15 -0.02
CA ASN A 17 -3.15 -8.08 0.01
C ASN A 17 -3.59 -7.33 1.26
N THR A 18 -3.11 -7.82 2.39
CA THR A 18 -3.46 -7.21 3.67
C THR A 18 -2.85 -5.80 3.77
N ALA A 19 -1.67 -5.66 3.20
CA ALA A 19 -0.97 -4.39 3.22
C ALA A 19 -1.82 -3.35 2.48
N TRP A 20 -2.11 -3.65 1.22
CA TRP A 20 -2.91 -2.75 0.40
C TRP A 20 -4.22 -2.47 1.15
N THR A 21 -4.88 -3.55 1.54
CA THR A 21 -6.14 -3.43 2.25
C THR A 21 -5.96 -2.55 3.49
N THR A 22 -4.90 -2.83 4.23
CA THR A 22 -4.62 -2.08 5.43
C THR A 22 -4.17 -0.66 5.09
N CYS A 23 -3.75 -0.49 3.84
CA CYS A 23 -3.30 0.81 3.37
C CYS A 23 -4.52 1.59 2.87
N THR A 24 -5.45 0.86 2.28
CA THR A 24 -6.67 1.47 1.76
C THR A 24 -7.71 1.61 2.86
N THR A 25 -7.32 2.33 3.91
CA THR A 25 -8.21 2.55 5.03
C THR A 25 -8.09 3.99 5.53
N PRO A 26 -9.13 4.42 6.31
CA PRO A 26 -9.15 5.77 6.85
C PRO A 26 -8.18 5.90 8.03
N GLY A 27 -7.26 6.84 7.90
CA GLY A 27 -6.28 7.09 8.93
C GLY A 27 -5.52 8.39 8.69
N GLN A 28 -4.31 8.44 9.20
CA GLN A 28 -3.47 9.63 9.05
C GLN A 28 -2.45 9.42 7.94
N THR A 29 -1.85 8.23 7.94
CA THR A 29 -0.85 7.89 6.95
C THR A 29 -1.37 6.79 6.03
N CYS A 30 -2.61 6.97 5.58
CA CYS A 30 -3.23 6.00 4.70
C CYS A 30 -2.53 6.07 3.34
N TYR A 31 -2.60 7.24 2.73
CA TYR A 31 -1.98 7.44 1.43
C TYR A 31 -0.47 7.59 1.57
N THR A 32 -0.01 7.64 2.82
CA THR A 32 1.40 7.76 3.10
C THR A 32 2.05 6.39 3.21
N CYS A 33 1.28 5.44 3.72
CA CYS A 33 1.77 4.08 3.88
C CYS A 33 1.91 3.45 2.49
N CYS A 34 1.09 3.92 1.58
CA CYS A 34 1.12 3.43 0.21
C CYS A 34 2.52 3.65 -0.36
N SER A 35 3.08 4.81 -0.02
CA SER A 35 4.41 5.15 -0.49
C SER A 35 5.47 4.41 0.34
N SER A 36 4.98 3.62 1.28
CA SER A 36 5.86 2.86 2.15
C SER A 36 5.44 1.38 2.15
N CYS A 37 4.60 1.03 1.19
CA CYS A 37 4.11 -0.33 1.07
C CYS A 37 3.97 -0.66 -0.41
N PHE A 38 4.64 0.14 -1.23
CA PHE A 38 4.59 -0.06 -2.67
C PHE A 38 5.81 0.57 -3.35
N ASP A 39 5.92 0.33 -4.65
CA ASP A 39 7.01 0.87 -5.42
C ASP A 39 6.49 1.94 -6.37
N VAL A 40 6.38 1.58 -7.63
CA VAL A 40 5.89 2.50 -8.64
C VAL A 40 4.39 2.30 -8.84
N VAL A 41 4.03 1.05 -9.09
CA VAL A 41 2.63 0.71 -9.29
C VAL A 41 1.88 0.79 -7.95
N GLY A 42 2.16 -0.18 -7.10
CA GLY A 42 1.54 -0.24 -5.79
C GLY A 42 1.27 1.17 -5.26
N GLU A 43 2.18 2.08 -5.58
CA GLU A 43 2.06 3.46 -5.14
C GLU A 43 0.98 4.18 -5.95
N GLN A 44 1.21 4.25 -7.26
CA GLN A 44 0.27 4.90 -8.15
C GLN A 44 -1.05 4.12 -8.21
N ALA A 45 -0.98 2.89 -7.73
CA ALA A 45 -2.14 2.02 -7.73
C ALA A 45 -2.96 2.29 -6.46
N CYS A 46 -2.26 2.36 -5.34
CA CYS A 46 -2.90 2.61 -4.06
C CYS A 46 -3.38 4.06 -4.03
N GLN A 47 -2.67 4.90 -4.79
CA GLN A 47 -3.02 6.31 -4.86
C GLN A 47 -4.47 6.48 -5.29
N MET A 48 -4.86 5.71 -6.30
CA MET A 48 -6.21 5.77 -6.81
C MET A 48 -7.20 5.13 -5.82
N SER A 49 -6.79 4.00 -5.28
CA SER A 49 -7.63 3.29 -4.32
C SER A 49 -7.50 3.94 -2.94
N ALA A 50 -6.73 5.00 -2.89
CA ALA A 50 -6.51 5.71 -1.64
C ALA A 50 -7.84 6.28 -1.15
N GLN A 51 -8.61 5.43 -0.50
CA GLN A 51 -9.90 5.83 0.03
C GLN A 51 -9.76 6.33 1.46
N CYS A 52 -8.86 7.29 1.64
CA CYS A 52 -8.62 7.85 2.96
C CYS A 52 -9.47 9.11 3.11
N ASN A 1 -2.96 -7.62 -9.07
CA ASN A 1 -2.57 -7.99 -7.72
C ASN A 1 -1.32 -7.21 -7.33
N PRO A 2 -1.18 -6.95 -6.00
CA PRO A 2 -0.04 -6.22 -5.49
C PRO A 2 1.21 -7.11 -5.46
N GLU A 3 1.03 -8.33 -5.94
CA GLU A 3 2.12 -9.29 -5.97
C GLU A 3 3.28 -8.73 -6.79
N ASP A 4 2.94 -7.99 -7.84
CA ASP A 4 3.93 -7.40 -8.71
C ASP A 4 4.48 -6.13 -8.06
N TRP A 5 3.73 -5.63 -7.08
CA TRP A 5 4.13 -4.43 -6.37
C TRP A 5 4.25 -4.77 -4.88
N PHE A 6 4.07 -3.75 -4.06
CA PHE A 6 4.16 -3.93 -2.61
C PHE A 6 5.52 -4.50 -2.22
N THR A 7 6.24 -3.74 -1.41
CA THR A 7 7.54 -4.16 -0.95
C THR A 7 7.52 -4.45 0.55
N PRO A 8 7.35 -5.77 0.88
CA PRO A 8 7.29 -6.19 2.27
C PRO A 8 8.69 -6.18 2.89
N ASP A 9 9.69 -6.00 2.04
CA ASP A 9 11.07 -5.97 2.49
C ASP A 9 11.38 -4.59 3.09
N THR A 10 10.41 -3.70 2.96
CA THR A 10 10.56 -2.35 3.47
C THR A 10 9.23 -1.83 4.02
N CYS A 11 8.52 -2.73 4.69
CA CYS A 11 7.23 -2.38 5.27
C CYS A 11 7.06 -3.17 6.57
N ALA A 12 5.92 -2.95 7.21
CA ALA A 12 5.62 -3.63 8.46
C ALA A 12 4.79 -4.88 8.18
N TYR A 13 3.95 -4.78 7.15
CA TYR A 13 3.09 -5.88 6.76
C TYR A 13 3.83 -6.84 5.83
N GLY A 14 3.55 -8.12 6.00
CA GLY A 14 4.18 -9.14 5.18
C GLY A 14 3.25 -9.61 4.07
N ASP A 15 1.99 -9.21 4.19
CA ASP A 15 0.98 -9.57 3.21
C ASP A 15 0.73 -8.39 2.29
N SER A 16 0.51 -8.70 1.01
CA SER A 16 0.25 -7.67 0.03
C SER A 16 -1.24 -7.31 0.04
N ASN A 17 -2.07 -8.32 0.20
CA ASN A 17 -3.51 -8.12 0.22
C ASN A 17 -3.89 -7.28 1.45
N THR A 18 -3.37 -7.70 2.60
CA THR A 18 -3.64 -7.00 3.83
C THR A 18 -2.93 -5.64 3.84
N ALA A 19 -1.77 -5.61 3.23
CA ALA A 19 -0.99 -4.39 3.16
C ALA A 19 -1.79 -3.32 2.40
N TRP A 20 -2.15 -3.66 1.17
CA TRP A 20 -2.92 -2.75 0.34
C TRP A 20 -4.18 -2.35 1.11
N THR A 21 -4.90 -3.36 1.57
CA THR A 21 -6.12 -3.12 2.32
C THR A 21 -5.84 -2.20 3.51
N THR A 22 -4.93 -2.64 4.36
CA THR A 22 -4.57 -1.86 5.54
C THR A 22 -4.10 -0.47 5.13
N CYS A 23 -3.76 -0.33 3.86
CA CYS A 23 -3.29 0.93 3.33
C CYS A 23 -4.51 1.72 2.83
N THR A 24 -5.43 0.99 2.21
CA THR A 24 -6.64 1.61 1.69
C THR A 24 -7.70 1.74 2.78
N THR A 25 -7.32 2.46 3.83
CA THR A 25 -8.23 2.66 4.95
C THR A 25 -8.07 4.08 5.51
N PRO A 26 -9.08 4.49 6.32
CA PRO A 26 -9.06 5.81 6.92
C PRO A 26 -8.07 5.86 8.09
N GLY A 27 -7.19 6.85 8.04
CA GLY A 27 -6.19 7.02 9.09
C GLY A 27 -5.43 8.33 8.91
N GLN A 28 -4.15 8.28 9.24
CA GLN A 28 -3.30 9.46 9.11
C GLN A 28 -2.29 9.27 7.99
N THR A 29 -1.71 8.09 7.94
CA THR A 29 -0.72 7.77 6.92
C THR A 29 -1.28 6.72 5.96
N CYS A 30 -2.54 6.90 5.58
CA CYS A 30 -3.20 5.97 4.67
C CYS A 30 -2.48 6.05 3.32
N TYR A 31 -2.48 7.24 2.75
CA TYR A 31 -1.85 7.46 1.46
C TYR A 31 -0.32 7.50 1.61
N THR A 32 0.11 7.69 2.84
CA THR A 32 1.54 7.75 3.14
C THR A 32 2.17 6.37 3.03
N CYS A 33 1.43 5.37 3.51
CA CYS A 33 1.91 4.00 3.47
C CYS A 33 1.81 3.50 2.03
N CYS A 34 0.96 4.16 1.26
CA CYS A 34 0.75 3.80 -0.13
C CYS A 34 2.05 4.07 -0.89
N SER A 35 2.96 4.77 -0.22
CA SER A 35 4.23 5.11 -0.82
C SER A 35 5.36 4.40 -0.07
N SER A 36 4.97 3.62 0.93
CA SER A 36 5.94 2.89 1.73
C SER A 36 5.74 1.39 1.52
N CYS A 37 4.49 0.98 1.45
CA CYS A 37 4.16 -0.42 1.25
C CYS A 37 3.98 -0.67 -0.26
N PHE A 38 4.63 0.19 -1.04
CA PHE A 38 4.55 0.07 -2.48
C PHE A 38 5.75 0.74 -3.16
N ASP A 39 5.87 0.52 -4.45
CA ASP A 39 6.96 1.09 -5.22
C ASP A 39 6.42 2.16 -6.16
N VAL A 40 6.35 1.79 -7.43
CA VAL A 40 5.84 2.70 -8.45
C VAL A 40 4.35 2.45 -8.66
N VAL A 41 4.03 1.20 -8.92
CA VAL A 41 2.64 0.81 -9.15
C VAL A 41 1.88 0.89 -7.83
N GLY A 42 2.26 0.00 -6.91
CA GLY A 42 1.62 -0.06 -5.61
C GLY A 42 1.27 1.35 -5.12
N GLU A 43 2.08 2.31 -5.54
CA GLU A 43 1.86 3.70 -5.15
C GLU A 43 0.75 4.32 -6.00
N GLN A 44 1.00 4.35 -7.30
CA GLN A 44 0.03 4.92 -8.23
C GLN A 44 -1.24 4.08 -8.25
N ALA A 45 -1.12 2.86 -7.73
CA ALA A 45 -2.25 1.95 -7.68
C ALA A 45 -3.06 2.22 -6.42
N CYS A 46 -2.34 2.36 -5.31
CA CYS A 46 -2.97 2.62 -4.03
C CYS A 46 -3.41 4.09 -4.00
N GLN A 47 -2.72 4.90 -4.80
CA GLN A 47 -3.02 6.31 -4.86
C GLN A 47 -4.45 6.53 -5.39
N MET A 48 -4.72 5.92 -6.53
CA MET A 48 -6.04 6.04 -7.14
C MET A 48 -7.10 5.34 -6.29
N SER A 49 -6.67 4.28 -5.62
CA SER A 49 -7.57 3.52 -4.76
C SER A 49 -7.45 3.99 -3.32
N ALA A 50 -6.73 5.10 -3.15
CA ALA A 50 -6.52 5.66 -1.82
C ALA A 50 -7.88 6.06 -1.23
N GLN A 51 -8.56 5.08 -0.67
CA GLN A 51 -9.87 5.31 -0.07
C GLN A 51 -9.72 5.59 1.43
N CYS A 52 -9.05 6.69 1.73
CA CYS A 52 -8.82 7.08 3.12
C CYS A 52 -10.05 7.86 3.60
N ASN A 1 -3.96 -7.34 -7.36
CA ASN A 1 -2.95 -8.21 -6.79
C ASN A 1 -1.61 -7.48 -6.74
N PRO A 2 -1.28 -6.98 -5.52
CA PRO A 2 -0.03 -6.27 -5.33
C PRO A 2 1.16 -7.22 -5.30
N GLU A 3 1.21 -8.09 -6.30
CA GLU A 3 2.28 -9.06 -6.39
C GLU A 3 3.49 -8.45 -7.10
N ASP A 4 3.23 -7.76 -8.19
CA ASP A 4 4.28 -7.12 -8.96
C ASP A 4 4.76 -5.88 -8.21
N TRP A 5 3.94 -5.43 -7.28
CA TRP A 5 4.26 -4.25 -6.49
C TRP A 5 4.38 -4.68 -5.03
N PHE A 6 4.16 -3.72 -4.14
CA PHE A 6 4.25 -3.97 -2.72
C PHE A 6 5.62 -4.54 -2.34
N THR A 7 6.31 -3.81 -1.48
CA THR A 7 7.63 -4.21 -1.03
C THR A 7 7.59 -4.62 0.44
N PRO A 8 7.47 -5.96 0.67
CA PRO A 8 7.42 -6.49 2.03
C PRO A 8 8.80 -6.46 2.68
N ASP A 9 9.77 -6.01 1.90
CA ASP A 9 11.14 -5.93 2.39
C ASP A 9 11.36 -4.60 3.10
N THR A 10 10.43 -3.68 2.85
CA THR A 10 10.50 -2.36 3.46
C THR A 10 9.14 -1.95 4.01
N CYS A 11 8.45 -2.92 4.60
CA CYS A 11 7.14 -2.68 5.17
C CYS A 11 6.93 -3.63 6.34
N ALA A 12 6.08 -3.22 7.26
CA ALA A 12 5.79 -4.04 8.43
C ALA A 12 4.56 -4.89 8.16
N TYR A 13 4.59 -5.59 7.03
CA TYR A 13 3.49 -6.44 6.64
C TYR A 13 4.00 -7.73 5.97
N GLY A 14 3.48 -8.84 6.44
CA GLY A 14 3.87 -10.13 5.90
C GLY A 14 2.86 -10.62 4.86
N ASP A 15 2.14 -9.67 4.29
CA ASP A 15 1.14 -9.99 3.29
C ASP A 15 0.90 -8.77 2.40
N SER A 16 0.70 -9.03 1.12
CA SER A 16 0.45 -7.97 0.16
C SER A 16 -1.01 -7.54 0.20
N ASN A 17 -1.88 -8.52 0.45
CA ASN A 17 -3.29 -8.26 0.52
C ASN A 17 -3.59 -7.34 1.72
N THR A 18 -3.05 -7.74 2.87
CA THR A 18 -3.25 -6.96 4.08
C THR A 18 -2.54 -5.61 3.97
N ALA A 19 -1.43 -5.62 3.25
CA ALA A 19 -0.66 -4.40 3.05
C ALA A 19 -1.53 -3.37 2.33
N TRP A 20 -1.94 -3.73 1.13
CA TRP A 20 -2.77 -2.84 0.33
C TRP A 20 -4.01 -2.46 1.17
N THR A 21 -4.64 -3.48 1.72
CA THR A 21 -5.81 -3.27 2.55
C THR A 21 -5.52 -2.26 3.65
N THR A 22 -4.60 -2.66 4.54
CA THR A 22 -4.22 -1.79 5.65
C THR A 22 -3.79 -0.42 5.13
N CYS A 23 -3.45 -0.38 3.85
CA CYS A 23 -3.02 0.86 3.24
C CYS A 23 -4.27 1.67 2.85
N THR A 24 -5.22 0.97 2.26
CA THR A 24 -6.45 1.61 1.84
C THR A 24 -7.44 1.67 3.00
N THR A 25 -7.11 2.50 3.97
CA THR A 25 -7.95 2.67 5.15
C THR A 25 -7.88 4.11 5.66
N PRO A 26 -8.90 4.49 6.47
CA PRO A 26 -8.96 5.82 7.04
C PRO A 26 -7.95 5.98 8.18
N GLY A 27 -7.05 6.95 8.00
CA GLY A 27 -6.03 7.21 9.01
C GLY A 27 -5.20 8.43 8.63
N GLN A 28 -4.07 8.58 9.32
CA GLN A 28 -3.18 9.70 9.07
C GLN A 28 -2.25 9.38 7.90
N THR A 29 -1.89 8.10 7.80
CA THR A 29 -1.01 7.65 6.74
C THR A 29 -1.75 6.72 5.79
N CYS A 30 -2.94 7.14 5.39
CA CYS A 30 -3.76 6.35 4.49
C CYS A 30 -3.07 6.33 3.12
N TYR A 31 -2.75 7.53 2.63
CA TYR A 31 -2.10 7.65 1.35
C TYR A 31 -0.58 7.58 1.49
N THR A 32 -0.12 7.79 2.71
CA THR A 32 1.31 7.76 3.00
C THR A 32 1.81 6.31 2.96
N CYS A 33 1.01 5.41 3.49
CA CYS A 33 1.36 4.01 3.53
C CYS A 33 1.33 3.46 2.09
N CYS A 34 0.58 4.17 1.26
CA CYS A 34 0.45 3.78 -0.14
C CYS A 34 1.80 4.00 -0.83
N SER A 35 2.71 4.64 -0.10
CA SER A 35 4.03 4.92 -0.63
C SER A 35 5.08 4.18 0.20
N SER A 36 4.60 3.42 1.18
CA SER A 36 5.49 2.66 2.03
C SER A 36 5.40 1.17 1.70
N CYS A 37 4.17 0.70 1.55
CA CYS A 37 3.92 -0.69 1.23
C CYS A 37 3.80 -0.82 -0.29
N PHE A 38 4.48 0.08 -0.99
CA PHE A 38 4.46 0.09 -2.44
C PHE A 38 5.67 0.82 -3.01
N ASP A 39 5.87 0.67 -4.31
CA ASP A 39 6.98 1.31 -4.99
C ASP A 39 6.45 2.41 -5.91
N VAL A 40 6.46 2.12 -7.19
CA VAL A 40 5.98 3.06 -8.19
C VAL A 40 4.50 2.78 -8.49
N VAL A 41 4.24 1.54 -8.86
CA VAL A 41 2.88 1.12 -9.17
C VAL A 41 2.06 1.06 -7.89
N GLY A 42 2.48 0.16 -7.01
CA GLY A 42 1.79 -0.01 -5.73
C GLY A 42 1.29 1.34 -5.19
N GLU A 43 2.05 2.37 -5.49
CA GLU A 43 1.70 3.72 -5.05
C GLU A 43 0.63 4.31 -5.95
N GLN A 44 0.93 4.33 -7.24
CA GLN A 44 0.00 4.87 -8.23
C GLN A 44 -1.27 4.02 -8.28
N ALA A 45 -1.14 2.79 -7.79
CA ALA A 45 -2.26 1.87 -7.79
C ALA A 45 -3.09 2.10 -6.51
N CYS A 46 -2.38 2.24 -5.41
CA CYS A 46 -3.04 2.47 -4.12
C CYS A 46 -3.55 3.91 -4.09
N GLN A 47 -2.91 4.75 -4.89
CA GLN A 47 -3.28 6.14 -4.96
C GLN A 47 -4.74 6.29 -5.38
N MET A 48 -5.08 5.59 -6.45
CA MET A 48 -6.44 5.62 -6.97
C MET A 48 -7.43 5.01 -5.96
N SER A 49 -6.99 3.92 -5.36
CA SER A 49 -7.82 3.23 -4.37
C SER A 49 -7.84 4.03 -3.07
N ALA A 50 -6.83 4.85 -2.89
CA ALA A 50 -6.73 5.66 -1.69
C ALA A 50 -8.05 6.38 -1.45
N GLN A 51 -8.84 5.81 -0.56
CA GLN A 51 -10.14 6.39 -0.24
C GLN A 51 -10.07 7.13 1.09
N CYS A 52 -9.13 8.05 1.17
CA CYS A 52 -8.95 8.84 2.38
C CYS A 52 -9.68 10.18 2.20
N ASN A 1 -2.78 -8.97 -6.79
CA ASN A 1 -2.63 -7.82 -7.67
C ASN A 1 -1.34 -7.08 -7.32
N PRO A 2 -1.19 -6.77 -6.01
CA PRO A 2 -0.01 -6.05 -5.53
C PRO A 2 1.20 -6.98 -5.48
N GLU A 3 1.00 -8.19 -5.98
CA GLU A 3 2.06 -9.19 -6.00
C GLU A 3 3.26 -8.66 -6.80
N ASP A 4 2.94 -8.04 -7.94
CA ASP A 4 3.98 -7.50 -8.79
C ASP A 4 4.53 -6.23 -8.17
N TRP A 5 3.80 -5.71 -7.20
CA TRP A 5 4.22 -4.50 -6.51
C TRP A 5 4.31 -4.81 -5.01
N PHE A 6 4.14 -3.76 -4.21
CA PHE A 6 4.20 -3.92 -2.77
C PHE A 6 5.55 -4.50 -2.34
N THR A 7 6.24 -3.76 -1.49
CA THR A 7 7.53 -4.19 -1.00
C THR A 7 7.45 -4.51 0.50
N PRO A 8 7.32 -5.83 0.80
CA PRO A 8 7.22 -6.29 2.17
C PRO A 8 8.60 -6.23 2.87
N ASP A 9 9.58 -5.78 2.10
CA ASP A 9 10.94 -5.66 2.63
C ASP A 9 11.11 -4.29 3.28
N THR A 10 10.17 -3.40 2.98
CA THR A 10 10.22 -2.05 3.53
C THR A 10 8.83 -1.64 4.03
N CYS A 11 8.18 -2.56 4.72
CA CYS A 11 6.86 -2.31 5.25
C CYS A 11 6.67 -3.17 6.50
N ALA A 12 5.65 -2.82 7.28
CA ALA A 12 5.36 -3.55 8.50
C ALA A 12 4.59 -4.82 8.15
N TYR A 13 3.78 -4.72 7.11
CA TYR A 13 2.99 -5.85 6.65
C TYR A 13 3.79 -6.75 5.72
N GLY A 14 3.55 -8.05 5.85
CA GLY A 14 4.25 -9.03 5.02
C GLY A 14 3.39 -9.44 3.82
N ASP A 15 2.08 -9.36 4.02
CA ASP A 15 1.15 -9.72 2.96
C ASP A 15 0.86 -8.50 2.09
N SER A 16 0.73 -8.76 0.80
CA SER A 16 0.46 -7.69 -0.15
C SER A 16 -1.04 -7.37 -0.17
N ASN A 17 -1.84 -8.40 0.04
CA ASN A 17 -3.28 -8.25 0.06
C ASN A 17 -3.69 -7.47 1.31
N THR A 18 -3.15 -7.91 2.44
CA THR A 18 -3.46 -7.28 3.71
C THR A 18 -2.78 -5.90 3.79
N ALA A 19 -1.61 -5.81 3.17
CA ALA A 19 -0.86 -4.58 3.17
C ALA A 19 -1.68 -3.49 2.48
N TRP A 20 -2.05 -3.78 1.23
CA TRP A 20 -2.84 -2.84 0.46
C TRP A 20 -4.12 -2.52 1.23
N THR A 21 -4.80 -3.59 1.66
CA THR A 21 -6.02 -3.45 2.41
C THR A 21 -5.79 -2.57 3.65
N THR A 22 -4.77 -2.94 4.41
CA THR A 22 -4.43 -2.21 5.62
C THR A 22 -4.01 -0.78 5.27
N CYS A 23 -3.64 -0.59 4.01
CA CYS A 23 -3.22 0.71 3.55
C CYS A 23 -4.45 1.50 3.11
N THR A 24 -5.40 0.77 2.54
CA THR A 24 -6.63 1.38 2.08
C THR A 24 -7.63 1.51 3.23
N THR A 25 -7.24 2.25 4.25
CA THR A 25 -8.08 2.46 5.41
C THR A 25 -8.01 3.92 5.87
N PRO A 26 -9.04 4.33 6.65
CA PRO A 26 -9.10 5.69 7.17
C PRO A 26 -8.10 5.89 8.31
N GLY A 27 -7.23 6.86 8.11
CA GLY A 27 -6.22 7.17 9.12
C GLY A 27 -5.53 8.51 8.83
N GLN A 28 -4.25 8.55 9.14
CA GLN A 28 -3.47 9.77 8.91
C GLN A 28 -2.48 9.55 7.77
N THR A 29 -1.80 8.42 7.83
CA THR A 29 -0.82 8.09 6.81
C THR A 29 -1.32 6.94 5.93
N CYS A 30 -2.61 7.01 5.60
CA CYS A 30 -3.23 5.99 4.77
C CYS A 30 -2.58 6.04 3.39
N TYR A 31 -2.68 7.21 2.77
CA TYR A 31 -2.12 7.40 1.44
C TYR A 31 -0.60 7.57 1.51
N THR A 32 -0.10 7.60 2.74
CA THR A 32 1.34 7.76 2.95
C THR A 32 2.00 6.39 3.10
N CYS A 33 1.27 5.46 3.68
CA CYS A 33 1.78 4.12 3.87
C CYS A 33 1.94 3.46 2.51
N CYS A 34 1.09 3.88 1.57
CA CYS A 34 1.14 3.34 0.22
C CYS A 34 2.53 3.59 -0.35
N SER A 35 3.08 4.75 -0.03
CA SER A 35 4.40 5.11 -0.50
C SER A 35 5.47 4.38 0.32
N SER A 36 4.99 3.58 1.26
CA SER A 36 5.89 2.82 2.11
C SER A 36 5.51 1.34 2.09
N CYS A 37 4.61 1.02 1.18
CA CYS A 37 4.14 -0.36 1.05
C CYS A 37 4.00 -0.68 -0.44
N PHE A 38 4.64 0.15 -1.25
CA PHE A 38 4.60 -0.03 -2.69
C PHE A 38 5.79 0.65 -3.37
N ASP A 39 5.90 0.43 -4.67
CA ASP A 39 6.99 1.01 -5.44
C ASP A 39 6.42 2.08 -6.38
N VAL A 40 6.33 1.72 -7.65
CA VAL A 40 5.81 2.63 -8.65
C VAL A 40 4.31 2.37 -8.85
N VAL A 41 3.99 1.10 -9.07
CA VAL A 41 2.61 0.70 -9.28
C VAL A 41 1.85 0.79 -7.95
N GLY A 42 2.13 -0.18 -7.08
CA GLY A 42 1.49 -0.22 -5.78
C GLY A 42 1.23 1.19 -5.25
N GLU A 43 2.14 2.09 -5.60
CA GLU A 43 2.02 3.47 -5.16
C GLU A 43 0.98 4.21 -5.99
N GLN A 44 1.24 4.26 -7.29
CA GLN A 44 0.32 4.93 -8.21
C GLN A 44 -1.01 4.18 -8.26
N ALA A 45 -0.97 2.94 -7.82
CA ALA A 45 -2.17 2.10 -7.81
C ALA A 45 -2.96 2.37 -6.53
N CYS A 46 -2.26 2.32 -5.41
CA CYS A 46 -2.88 2.55 -4.12
C CYS A 46 -3.36 4.01 -4.07
N GLN A 47 -2.66 4.86 -4.81
CA GLN A 47 -3.01 6.26 -4.87
C GLN A 47 -4.46 6.43 -5.32
N MET A 48 -4.80 5.76 -6.40
CA MET A 48 -6.14 5.83 -6.94
C MET A 48 -7.17 5.23 -5.96
N SER A 49 -6.83 4.05 -5.46
CA SER A 49 -7.71 3.37 -4.52
C SER A 49 -7.74 4.13 -3.20
N ALA A 50 -6.71 4.94 -2.99
CA ALA A 50 -6.61 5.73 -1.77
C ALA A 50 -7.96 6.38 -1.48
N GLN A 51 -8.74 5.72 -0.64
CA GLN A 51 -10.05 6.22 -0.26
C GLN A 51 -10.06 6.65 1.21
N CYS A 52 -9.11 7.50 1.56
CA CYS A 52 -9.00 8.00 2.92
C CYS A 52 -9.19 9.51 2.91
N ASN A 1 -2.59 -9.19 -7.62
CA ASN A 1 -2.42 -7.96 -8.36
C ASN A 1 -1.22 -7.20 -7.78
N PRO A 2 -1.26 -7.01 -6.44
CA PRO A 2 -0.19 -6.30 -5.75
C PRO A 2 1.06 -7.18 -5.63
N GLU A 3 0.96 -8.38 -6.17
CA GLU A 3 2.07 -9.31 -6.13
C GLU A 3 3.29 -8.72 -6.85
N ASP A 4 3.01 -7.95 -7.89
CA ASP A 4 4.06 -7.32 -8.66
C ASP A 4 4.57 -6.09 -7.91
N TRP A 5 3.67 -5.48 -7.16
CA TRP A 5 4.01 -4.29 -6.38
C TRP A 5 4.17 -4.71 -4.93
N PHE A 6 4.05 -3.73 -4.04
CA PHE A 6 4.19 -3.98 -2.62
C PHE A 6 5.54 -4.60 -2.29
N THR A 7 6.29 -3.90 -1.46
CA THR A 7 7.61 -4.37 -1.06
C THR A 7 7.60 -4.81 0.40
N PRO A 8 7.51 -6.15 0.60
CA PRO A 8 7.49 -6.71 1.94
C PRO A 8 8.88 -6.69 2.56
N ASP A 9 9.82 -6.16 1.80
CA ASP A 9 11.19 -6.07 2.27
C ASP A 9 11.40 -4.74 2.98
N THR A 10 10.44 -3.85 2.81
CA THR A 10 10.50 -2.53 3.43
C THR A 10 9.12 -2.15 3.99
N CYS A 11 8.51 -3.10 4.67
CA CYS A 11 7.20 -2.87 5.26
C CYS A 11 7.02 -3.85 6.43
N ALA A 12 6.27 -3.41 7.42
CA ALA A 12 6.01 -4.23 8.58
C ALA A 12 5.19 -5.46 8.16
N TYR A 13 4.34 -5.25 7.17
CA TYR A 13 3.50 -6.33 6.67
C TYR A 13 4.21 -7.09 5.54
N GLY A 14 4.19 -8.41 5.66
CA GLY A 14 4.81 -9.26 4.66
C GLY A 14 3.79 -9.78 3.66
N ASP A 15 2.59 -9.20 3.73
CA ASP A 15 1.52 -9.60 2.84
C ASP A 15 1.07 -8.38 2.01
N SER A 16 0.79 -8.63 0.74
CA SER A 16 0.36 -7.57 -0.15
C SER A 16 -1.12 -7.27 0.07
N ASN A 17 -1.86 -8.32 0.42
CA ASN A 17 -3.29 -8.18 0.67
C ASN A 17 -3.51 -7.28 1.88
N THR A 18 -2.98 -7.73 3.01
CA THR A 18 -3.13 -6.98 4.24
C THR A 18 -2.45 -5.60 4.11
N ALA A 19 -1.41 -5.57 3.29
CA ALA A 19 -0.68 -4.33 3.06
C ALA A 19 -1.60 -3.33 2.36
N TRP A 20 -2.03 -3.69 1.16
CA TRP A 20 -2.90 -2.83 0.38
C TRP A 20 -4.12 -2.50 1.25
N THR A 21 -4.68 -3.54 1.85
CA THR A 21 -5.85 -3.36 2.70
C THR A 21 -5.57 -2.32 3.78
N THR A 22 -4.62 -2.65 4.65
CA THR A 22 -4.25 -1.75 5.74
C THR A 22 -3.88 -0.37 5.18
N CYS A 23 -3.54 -0.35 3.90
CA CYS A 23 -3.15 0.88 3.25
C CYS A 23 -4.43 1.60 2.80
N THR A 24 -5.36 0.83 2.27
CA THR A 24 -6.62 1.37 1.80
C THR A 24 -7.62 1.47 2.96
N THR A 25 -7.31 2.37 3.88
CA THR A 25 -8.16 2.58 5.04
C THR A 25 -8.09 4.04 5.50
N PRO A 26 -9.14 4.46 6.25
CA PRO A 26 -9.22 5.81 6.76
C PRO A 26 -8.25 6.02 7.93
N GLY A 27 -7.37 6.99 7.78
CA GLY A 27 -6.39 7.29 8.81
C GLY A 27 -5.62 8.58 8.47
N GLN A 28 -4.50 8.75 9.16
CA GLN A 28 -3.67 9.92 8.95
C GLN A 28 -2.62 9.63 7.87
N THR A 29 -2.06 8.43 7.94
CA THR A 29 -1.04 8.03 6.98
C THR A 29 -1.59 6.94 6.05
N CYS A 30 -2.80 7.17 5.57
CA CYS A 30 -3.45 6.24 4.67
C CYS A 30 -2.72 6.28 3.33
N TYR A 31 -2.64 7.47 2.76
CA TYR A 31 -1.97 7.66 1.48
C TYR A 31 -0.45 7.55 1.64
N THR A 32 0.01 7.81 2.86
CA THR A 32 1.42 7.75 3.15
C THR A 32 1.91 6.29 3.14
N CYS A 33 1.02 5.40 3.58
CA CYS A 33 1.35 3.99 3.63
C CYS A 33 1.30 3.45 2.20
N CYS A 34 0.56 4.15 1.35
CA CYS A 34 0.43 3.74 -0.04
C CYS A 34 1.77 3.94 -0.73
N SER A 35 2.69 4.58 -0.01
CA SER A 35 4.01 4.84 -0.54
C SER A 35 5.06 4.09 0.28
N SER A 36 4.58 3.35 1.26
CA SER A 36 5.46 2.59 2.13
C SER A 36 5.37 1.10 1.78
N CYS A 37 4.14 0.63 1.66
CA CYS A 37 3.92 -0.77 1.32
C CYS A 37 3.77 -0.89 -0.19
N PHE A 38 4.45 0.01 -0.89
CA PHE A 38 4.41 0.01 -2.35
C PHE A 38 5.63 0.72 -2.93
N ASP A 39 5.80 0.58 -4.23
CA ASP A 39 6.91 1.20 -4.92
C ASP A 39 6.39 2.30 -5.85
N VAL A 40 6.39 1.99 -7.15
CA VAL A 40 5.91 2.93 -8.14
C VAL A 40 4.44 2.67 -8.43
N VAL A 41 4.16 1.42 -8.81
CA VAL A 41 2.80 1.02 -9.11
C VAL A 41 1.98 0.96 -7.82
N GLY A 42 2.46 0.14 -6.90
CA GLY A 42 1.80 -0.02 -5.62
C GLY A 42 1.29 1.32 -5.08
N GLU A 43 2.04 2.37 -5.41
CA GLU A 43 1.68 3.71 -4.98
C GLU A 43 0.61 4.29 -5.90
N GLN A 44 0.91 4.30 -7.19
CA GLN A 44 -0.01 4.83 -8.17
C GLN A 44 -1.29 3.99 -8.20
N ALA A 45 -1.18 2.77 -7.69
CA ALA A 45 -2.31 1.87 -7.65
C ALA A 45 -3.13 2.13 -6.38
N CYS A 46 -2.42 2.28 -5.27
CA CYS A 46 -3.06 2.54 -4.00
C CYS A 46 -3.48 4.01 -3.96
N GLN A 47 -2.83 4.80 -4.80
CA GLN A 47 -3.13 6.22 -4.86
C GLN A 47 -4.56 6.43 -5.36
N MET A 48 -4.89 5.73 -6.44
CA MET A 48 -6.22 5.84 -7.02
C MET A 48 -7.27 5.19 -6.12
N SER A 49 -6.90 4.05 -5.55
CA SER A 49 -7.80 3.32 -4.66
C SER A 49 -7.89 4.04 -3.32
N ALA A 50 -6.79 4.70 -2.95
CA ALA A 50 -6.74 5.42 -1.69
C ALA A 50 -8.02 6.24 -1.52
N GLN A 51 -8.89 5.75 -0.65
CA GLN A 51 -10.15 6.42 -0.39
C GLN A 51 -10.08 7.16 0.95
N CYS A 52 -9.05 7.99 1.09
CA CYS A 52 -8.87 8.76 2.30
C CYS A 52 -8.78 10.24 1.93
N ASN A 1 -2.99 -7.77 -8.97
CA ASN A 1 -2.59 -8.10 -7.60
C ASN A 1 -1.31 -7.34 -7.25
N PRO A 2 -1.17 -7.03 -5.93
CA PRO A 2 -0.01 -6.31 -5.46
C PRO A 2 1.22 -7.22 -5.40
N GLU A 3 1.01 -8.47 -5.80
CA GLU A 3 2.08 -9.45 -5.81
C GLU A 3 3.24 -8.96 -6.67
N ASP A 4 2.89 -8.19 -7.70
CA ASP A 4 3.89 -7.65 -8.60
C ASP A 4 4.47 -6.36 -8.01
N TRP A 5 3.70 -5.75 -7.11
CA TRP A 5 4.12 -4.52 -6.47
C TRP A 5 4.24 -4.79 -4.97
N PHE A 6 4.07 -3.73 -4.19
CA PHE A 6 4.16 -3.83 -2.74
C PHE A 6 5.54 -4.36 -2.33
N THR A 7 6.19 -3.59 -1.47
CA THR A 7 7.51 -3.96 -0.98
C THR A 7 7.45 -4.28 0.51
N PRO A 8 7.29 -5.60 0.81
CA PRO A 8 7.22 -6.05 2.19
C PRO A 8 8.61 -6.03 2.85
N ASP A 9 9.59 -5.60 2.07
CA ASP A 9 10.95 -5.52 2.56
C ASP A 9 11.21 -4.14 3.15
N THR A 10 10.21 -3.28 3.00
CA THR A 10 10.30 -1.92 3.51
C THR A 10 8.94 -1.44 4.00
N CYS A 11 8.27 -2.31 4.75
CA CYS A 11 6.97 -1.99 5.29
C CYS A 11 6.68 -2.93 6.46
N ALA A 12 5.68 -2.57 7.24
CA ALA A 12 5.30 -3.37 8.40
C ALA A 12 4.12 -4.27 8.01
N TYR A 13 4.32 -5.00 6.91
CA TYR A 13 3.29 -5.91 6.43
C TYR A 13 3.91 -7.16 5.81
N GLY A 14 3.29 -8.29 6.12
CA GLY A 14 3.77 -9.57 5.59
C GLY A 14 3.01 -9.96 4.33
N ASP A 15 1.72 -9.64 4.33
CA ASP A 15 0.88 -9.96 3.18
C ASP A 15 0.72 -8.71 2.31
N SER A 16 0.52 -8.95 1.02
CA SER A 16 0.35 -7.87 0.07
C SER A 16 -1.11 -7.42 0.04
N ASN A 17 -1.99 -8.40 0.14
CA ASN A 17 -3.42 -8.13 0.12
C ASN A 17 -3.80 -7.33 1.37
N THR A 18 -3.20 -7.72 2.48
CA THR A 18 -3.46 -7.06 3.76
C THR A 18 -2.80 -5.68 3.77
N ALA A 19 -1.59 -5.62 3.22
CA ALA A 19 -0.86 -4.37 3.17
C ALA A 19 -1.68 -3.32 2.43
N TRP A 20 -2.05 -3.65 1.20
CA TRP A 20 -2.85 -2.75 0.39
C TRP A 20 -4.13 -2.42 1.15
N THR A 21 -4.74 -3.46 1.70
CA THR A 21 -5.96 -3.31 2.45
C THR A 21 -5.75 -2.33 3.61
N THR A 22 -4.83 -2.68 4.48
CA THR A 22 -4.52 -1.85 5.63
C THR A 22 -4.13 -0.44 5.18
N CYS A 23 -3.76 -0.35 3.91
CA CYS A 23 -3.35 0.93 3.34
C CYS A 23 -4.61 1.66 2.87
N THR A 24 -5.52 0.88 2.31
CA THR A 24 -6.77 1.44 1.80
C THR A 24 -7.80 1.55 2.92
N THR A 25 -7.35 2.09 4.05
CA THR A 25 -8.21 2.26 5.20
C THR A 25 -8.01 3.65 5.83
N PRO A 26 -9.03 4.07 6.62
CA PRO A 26 -8.97 5.36 7.28
C PRO A 26 -8.00 5.34 8.46
N GLY A 27 -6.99 6.20 8.37
CA GLY A 27 -5.99 6.28 9.42
C GLY A 27 -5.22 7.60 9.35
N GLN A 28 -3.93 7.52 9.55
CA GLN A 28 -3.07 8.70 9.52
C GLN A 28 -2.21 8.69 8.25
N THR A 29 -1.87 7.48 7.81
CA THR A 29 -1.06 7.33 6.62
C THR A 29 -1.73 6.38 5.64
N CYS A 30 -2.97 6.72 5.29
CA CYS A 30 -3.73 5.91 4.36
C CYS A 30 -3.11 6.07 2.97
N TYR A 31 -2.58 7.26 2.72
CA TYR A 31 -1.96 7.55 1.44
C TYR A 31 -0.44 7.66 1.58
N THR A 32 -0.01 7.87 2.81
CA THR A 32 1.41 8.00 3.10
C THR A 32 2.05 6.62 3.22
N CYS A 33 1.23 5.64 3.57
CA CYS A 33 1.70 4.27 3.72
C CYS A 33 1.96 3.70 2.33
N CYS A 34 1.04 3.99 1.42
CA CYS A 34 1.15 3.51 0.05
C CYS A 34 2.46 4.04 -0.54
N SER A 35 2.99 5.06 0.12
CA SER A 35 4.23 5.67 -0.33
C SER A 35 5.43 4.96 0.31
N SER A 36 5.11 3.95 1.11
CA SER A 36 6.14 3.19 1.79
C SER A 36 5.73 1.72 1.89
N CYS A 37 4.76 1.36 1.05
CA CYS A 37 4.27 -0.01 1.03
C CYS A 37 4.14 -0.45 -0.43
N PHE A 38 4.78 0.32 -1.30
CA PHE A 38 4.74 0.01 -2.73
C PHE A 38 5.95 0.61 -3.44
N ASP A 39 6.06 0.31 -4.72
CA ASP A 39 7.16 0.81 -5.53
C ASP A 39 6.67 1.98 -6.38
N VAL A 40 6.10 1.64 -7.54
CA VAL A 40 5.59 2.65 -8.45
C VAL A 40 4.17 2.28 -8.86
N VAL A 41 3.99 1.00 -9.15
CA VAL A 41 2.68 0.50 -9.55
C VAL A 41 1.75 0.46 -8.34
N GLY A 42 2.24 -0.18 -7.29
CA GLY A 42 1.47 -0.30 -6.06
C GLY A 42 1.18 1.08 -5.46
N GLU A 43 2.17 1.96 -5.58
CA GLU A 43 2.03 3.32 -5.06
C GLU A 43 1.07 4.13 -5.93
N GLN A 44 1.27 4.02 -7.23
CA GLN A 44 0.44 4.74 -8.18
C GLN A 44 -0.94 4.08 -8.29
N ALA A 45 -0.96 2.79 -7.99
CA ALA A 45 -2.20 2.04 -8.05
C ALA A 45 -2.98 2.24 -6.74
N CYS A 46 -2.23 2.31 -5.65
CA CYS A 46 -2.83 2.49 -4.34
C CYS A 46 -3.30 3.95 -4.23
N GLN A 47 -2.60 4.82 -4.95
CA GLN A 47 -2.93 6.22 -4.94
C GLN A 47 -4.41 6.43 -5.31
N MET A 48 -4.79 5.85 -6.44
CA MET A 48 -6.15 5.96 -6.90
C MET A 48 -7.12 5.23 -5.97
N SER A 49 -6.60 4.18 -5.33
CA SER A 49 -7.39 3.40 -4.41
C SER A 49 -7.57 4.15 -3.09
N ALA A 50 -6.52 4.87 -2.71
CA ALA A 50 -6.54 5.63 -1.48
C ALA A 50 -7.86 6.41 -1.39
N GLN A 51 -8.71 5.96 -0.47
CA GLN A 51 -10.00 6.60 -0.27
C GLN A 51 -10.11 7.14 1.16
N CYS A 52 -9.13 7.93 1.54
CA CYS A 52 -9.11 8.51 2.87
C CYS A 52 -8.73 9.99 2.75
N ASN A 1 -2.87 -8.97 -7.06
CA ASN A 1 -2.69 -7.80 -7.89
C ASN A 1 -1.40 -7.08 -7.48
N PRO A 2 -1.29 -6.81 -6.15
CA PRO A 2 -0.13 -6.13 -5.62
C PRO A 2 1.07 -7.08 -5.56
N GLU A 3 0.85 -8.30 -6.02
CA GLU A 3 1.90 -9.30 -6.03
C GLU A 3 3.10 -8.82 -6.86
N ASP A 4 2.78 -8.03 -7.88
CA ASP A 4 3.82 -7.49 -8.75
C ASP A 4 4.39 -6.22 -8.13
N TRP A 5 3.68 -5.71 -7.13
CA TRP A 5 4.13 -4.51 -6.44
C TRP A 5 4.21 -4.82 -4.95
N PHE A 6 4.07 -3.79 -4.14
CA PHE A 6 4.13 -3.94 -2.70
C PHE A 6 5.47 -4.54 -2.27
N THR A 7 6.17 -3.80 -1.43
CA THR A 7 7.46 -4.25 -0.93
C THR A 7 7.38 -4.59 0.56
N PRO A 8 7.25 -5.91 0.83
CA PRO A 8 7.15 -6.38 2.20
C PRO A 8 8.52 -6.34 2.90
N ASP A 9 9.51 -5.87 2.15
CA ASP A 9 10.86 -5.77 2.68
C ASP A 9 11.04 -4.39 3.33
N THR A 10 10.15 -3.49 2.99
CA THR A 10 10.20 -2.14 3.54
C THR A 10 8.82 -1.73 4.07
N CYS A 11 8.15 -2.68 4.69
CA CYS A 11 6.82 -2.43 5.24
C CYS A 11 6.64 -3.33 6.46
N ALA A 12 5.85 -2.84 7.41
CA ALA A 12 5.57 -3.59 8.62
C ALA A 12 4.77 -4.84 8.27
N TYR A 13 4.30 -4.88 7.03
CA TYR A 13 3.51 -6.01 6.56
C TYR A 13 4.31 -6.84 5.56
N GLY A 14 3.96 -8.11 5.50
CA GLY A 14 4.63 -9.03 4.58
C GLY A 14 3.71 -9.41 3.42
N ASP A 15 2.41 -9.31 3.66
CA ASP A 15 1.43 -9.63 2.65
C ASP A 15 1.12 -8.38 1.82
N SER A 16 0.86 -8.60 0.54
CA SER A 16 0.55 -7.51 -0.36
C SER A 16 -0.96 -7.22 -0.34
N ASN A 17 -1.73 -8.29 -0.13
CA ASN A 17 -3.18 -8.17 -0.09
C ASN A 17 -3.58 -7.43 1.19
N THR A 18 -3.12 -7.95 2.31
CA THR A 18 -3.42 -7.36 3.60
C THR A 18 -2.81 -5.96 3.70
N ALA A 19 -1.58 -5.85 3.21
CA ALA A 19 -0.88 -4.58 3.24
C ALA A 19 -1.71 -3.52 2.53
N TRP A 20 -2.05 -3.80 1.28
CA TRP A 20 -2.84 -2.88 0.49
C TRP A 20 -4.14 -2.58 1.26
N THR A 21 -4.74 -3.65 1.77
CA THR A 21 -5.97 -3.52 2.53
C THR A 21 -5.79 -2.52 3.68
N THR A 22 -4.80 -2.80 4.50
CA THR A 22 -4.50 -1.95 5.64
C THR A 22 -4.11 -0.55 5.17
N CYS A 23 -3.52 -0.50 3.98
CA CYS A 23 -3.09 0.75 3.41
C CYS A 23 -4.33 1.53 2.97
N THR A 24 -5.29 0.80 2.41
CA THR A 24 -6.52 1.40 1.95
C THR A 24 -7.52 1.53 3.11
N THR A 25 -7.23 2.47 4.00
CA THR A 25 -8.09 2.71 5.15
C THR A 25 -8.02 4.18 5.57
N PRO A 26 -9.09 4.61 6.30
CA PRO A 26 -9.17 5.98 6.76
C PRO A 26 -8.22 6.20 7.95
N GLY A 27 -7.30 7.14 7.76
CA GLY A 27 -6.33 7.47 8.80
C GLY A 27 -5.61 8.77 8.50
N GLN A 28 -4.40 8.87 9.01
CA GLN A 28 -3.60 10.07 8.80
C GLN A 28 -2.52 9.80 7.73
N THR A 29 -1.89 8.65 7.84
CA THR A 29 -0.84 8.27 6.91
C THR A 29 -1.31 7.10 6.04
N CYS A 30 -2.57 7.17 5.63
CA CYS A 30 -3.16 6.14 4.80
C CYS A 30 -2.41 6.11 3.46
N TYR A 31 -2.43 7.26 2.79
CA TYR A 31 -1.75 7.39 1.51
C TYR A 31 -0.24 7.25 1.67
N THR A 32 0.25 7.74 2.79
CA THR A 32 1.67 7.68 3.08
C THR A 32 2.14 6.23 3.22
N CYS A 33 1.24 5.42 3.76
CA CYS A 33 1.54 4.00 3.96
C CYS A 33 1.74 3.36 2.59
N CYS A 34 0.92 3.79 1.64
CA CYS A 34 1.00 3.26 0.29
C CYS A 34 2.41 3.55 -0.26
N SER A 35 2.93 4.71 0.13
CA SER A 35 4.25 5.11 -0.31
C SER A 35 5.32 4.37 0.50
N SER A 36 4.85 3.52 1.41
CA SER A 36 5.75 2.76 2.25
C SER A 36 5.36 1.28 2.20
N CYS A 37 4.48 0.95 1.29
CA CYS A 37 4.03 -0.42 1.13
C CYS A 37 3.90 -0.71 -0.37
N PHE A 38 4.57 0.12 -1.16
CA PHE A 38 4.54 -0.05 -2.60
C PHE A 38 5.74 0.63 -3.25
N ASP A 39 5.88 0.40 -4.55
CA ASP A 39 6.99 0.97 -5.30
C ASP A 39 6.45 2.06 -6.23
N VAL A 40 6.37 1.73 -7.51
CA VAL A 40 5.88 2.67 -8.50
C VAL A 40 4.39 2.42 -8.72
N VAL A 41 4.05 1.17 -8.99
CA VAL A 41 2.67 0.80 -9.22
C VAL A 41 1.90 0.86 -7.90
N GLY A 42 2.14 -0.13 -7.05
CA GLY A 42 1.49 -0.19 -5.76
C GLY A 42 1.22 1.21 -5.22
N GLU A 43 2.14 2.12 -5.51
CA GLU A 43 2.02 3.49 -5.06
C GLU A 43 0.96 4.23 -5.87
N GLN A 44 1.16 4.24 -7.18
CA GLN A 44 0.23 4.90 -8.07
C GLN A 44 -1.07 4.10 -8.18
N ALA A 45 -1.00 2.85 -7.73
CA ALA A 45 -2.16 1.99 -7.77
C ALA A 45 -3.00 2.22 -6.51
N CYS A 46 -2.31 2.28 -5.38
CA CYS A 46 -2.97 2.49 -4.11
C CYS A 46 -3.46 3.93 -4.05
N GLN A 47 -2.75 4.79 -4.77
CA GLN A 47 -3.10 6.20 -4.81
C GLN A 47 -4.56 6.38 -5.24
N MET A 48 -4.90 5.70 -6.33
CA MET A 48 -6.25 5.77 -6.85
C MET A 48 -7.27 5.16 -5.87
N SER A 49 -6.95 3.96 -5.41
CA SER A 49 -7.81 3.27 -4.47
C SER A 49 -7.82 4.01 -3.13
N ALA A 50 -6.83 4.87 -2.95
CA ALA A 50 -6.70 5.64 -1.73
C ALA A 50 -8.06 6.28 -1.40
N GLN A 51 -8.82 5.59 -0.57
CA GLN A 51 -10.13 6.07 -0.17
C GLN A 51 -10.12 6.49 1.29
N CYS A 52 -9.19 7.38 1.62
CA CYS A 52 -9.06 7.86 2.98
C CYS A 52 -9.35 9.36 2.99
N ASN A 1 -3.16 -7.67 -8.93
CA ASN A 1 -2.79 -7.92 -7.55
C ASN A 1 -1.48 -7.19 -7.24
N PRO A 2 -1.30 -6.89 -5.93
CA PRO A 2 -0.10 -6.20 -5.48
C PRO A 2 1.12 -7.13 -5.48
N GLU A 3 0.87 -8.37 -5.88
CA GLU A 3 1.92 -9.37 -5.93
C GLU A 3 3.06 -8.89 -6.83
N ASP A 4 2.70 -8.03 -7.78
CA ASP A 4 3.67 -7.50 -8.72
C ASP A 4 4.31 -6.23 -8.12
N TRP A 5 3.62 -5.68 -7.12
CA TRP A 5 4.09 -4.48 -6.46
C TRP A 5 4.23 -4.79 -4.97
N PHE A 6 4.11 -3.73 -4.18
CA PHE A 6 4.22 -3.87 -2.73
C PHE A 6 5.57 -4.46 -2.34
N THR A 7 6.26 -3.76 -1.44
CA THR A 7 7.55 -4.21 -0.97
C THR A 7 7.51 -4.51 0.53
N PRO A 8 7.36 -5.83 0.84
CA PRO A 8 7.30 -6.27 2.22
C PRO A 8 8.69 -6.24 2.86
N ASP A 9 9.66 -5.82 2.07
CA ASP A 9 11.03 -5.74 2.55
C ASP A 9 11.30 -4.33 3.08
N THR A 10 10.30 -3.48 2.94
CA THR A 10 10.42 -2.10 3.39
C THR A 10 9.07 -1.60 3.93
N CYS A 11 8.43 -2.45 4.72
CA CYS A 11 7.15 -2.11 5.30
C CYS A 11 6.93 -2.98 6.55
N ALA A 12 5.92 -2.61 7.32
CA ALA A 12 5.61 -3.34 8.53
C ALA A 12 4.79 -4.58 8.17
N TYR A 13 4.03 -4.47 7.09
CA TYR A 13 3.21 -5.57 6.64
C TYR A 13 4.01 -6.53 5.75
N GLY A 14 3.71 -7.82 5.92
CA GLY A 14 4.40 -8.84 5.15
C GLY A 14 3.53 -9.31 3.98
N ASP A 15 2.24 -9.09 4.12
CA ASP A 15 1.29 -9.50 3.09
C ASP A 15 1.01 -8.31 2.17
N SER A 16 0.75 -8.62 0.90
CA SER A 16 0.46 -7.59 -0.08
C SER A 16 -1.03 -7.27 -0.08
N ASN A 17 -1.82 -8.34 0.02
CA ASN A 17 -3.28 -8.19 0.03
C ASN A 17 -3.70 -7.41 1.27
N THR A 18 -3.16 -7.84 2.41
CA THR A 18 -3.47 -7.21 3.67
C THR A 18 -2.85 -5.80 3.73
N ALA A 19 -1.67 -5.70 3.15
CA ALA A 19 -0.96 -4.44 3.13
C ALA A 19 -1.81 -3.39 2.41
N TRP A 20 -2.16 -3.71 1.17
CA TRP A 20 -2.97 -2.80 0.37
C TRP A 20 -4.27 -2.53 1.13
N THR A 21 -4.88 -3.61 1.59
CA THR A 21 -6.13 -3.50 2.32
C THR A 21 -5.96 -2.56 3.52
N THR A 22 -4.99 -2.91 4.36
CA THR A 22 -4.72 -2.10 5.55
C THR A 22 -4.31 -0.68 5.15
N CYS A 23 -3.92 -0.54 3.89
CA CYS A 23 -3.50 0.75 3.38
C CYS A 23 -4.76 1.53 2.97
N THR A 24 -5.72 0.80 2.41
CA THR A 24 -6.96 1.41 1.97
C THR A 24 -7.94 1.51 3.15
N THR A 25 -7.57 2.34 4.11
CA THR A 25 -8.41 2.54 5.28
C THR A 25 -8.16 3.93 5.88
N PRO A 26 -9.13 4.37 6.72
CA PRO A 26 -9.04 5.67 7.36
C PRO A 26 -8.01 5.65 8.50
N GLY A 27 -7.02 6.52 8.37
CA GLY A 27 -5.97 6.60 9.38
C GLY A 27 -5.17 7.89 9.22
N GLN A 28 -3.93 7.85 9.69
CA GLN A 28 -3.05 9.00 9.61
C GLN A 28 -2.15 8.89 8.37
N THR A 29 -1.76 7.67 8.06
CA THR A 29 -0.92 7.43 6.92
C THR A 29 -1.58 6.42 5.96
N CYS A 30 -2.80 6.75 5.56
CA CYS A 30 -3.54 5.90 4.66
C CYS A 30 -2.89 5.96 3.28
N TYR A 31 -2.73 7.18 2.78
CA TYR A 31 -2.12 7.40 1.49
C TYR A 31 -0.60 7.54 1.61
N THR A 32 -0.14 7.57 2.85
CA THR A 32 1.28 7.70 3.12
C THR A 32 1.93 6.31 3.23
N CYS A 33 1.12 5.35 3.65
CA CYS A 33 1.61 3.99 3.80
C CYS A 33 1.91 3.43 2.40
N CYS A 34 0.99 3.71 1.48
CA CYS A 34 1.15 3.25 0.12
C CYS A 34 2.50 3.74 -0.42
N SER A 35 2.91 4.89 0.10
CA SER A 35 4.17 5.48 -0.31
C SER A 35 5.33 4.82 0.43
N SER A 36 4.98 3.84 1.27
CA SER A 36 5.98 3.12 2.03
C SER A 36 5.62 1.64 2.08
N CYS A 37 4.74 1.24 1.18
CA CYS A 37 4.30 -0.15 1.11
C CYS A 37 4.17 -0.54 -0.36
N PHE A 38 4.78 0.27 -1.22
CA PHE A 38 4.73 0.02 -2.65
C PHE A 38 5.92 0.67 -3.35
N ASP A 39 6.07 0.32 -4.62
CA ASP A 39 7.16 0.89 -5.42
C ASP A 39 6.63 2.03 -6.27
N VAL A 40 6.04 1.69 -7.40
CA VAL A 40 5.48 2.68 -8.30
C VAL A 40 4.04 2.29 -8.66
N VAL A 41 3.89 1.04 -9.07
CA VAL A 41 2.58 0.54 -9.45
C VAL A 41 1.74 0.33 -8.20
N GLY A 42 2.40 -0.14 -7.15
CA GLY A 42 1.71 -0.39 -5.89
C GLY A 42 1.24 0.93 -5.25
N GLU A 43 2.06 1.95 -5.42
CA GLU A 43 1.73 3.26 -4.87
C GLU A 43 0.82 4.03 -5.84
N GLN A 44 1.19 3.97 -7.12
CA GLN A 44 0.42 4.65 -8.15
C GLN A 44 -0.98 4.03 -8.26
N ALA A 45 -1.05 2.75 -7.94
CA ALA A 45 -2.32 2.04 -8.00
C ALA A 45 -3.08 2.25 -6.69
N CYS A 46 -2.33 2.30 -5.61
CA CYS A 46 -2.91 2.50 -4.30
C CYS A 46 -3.33 3.97 -4.17
N GLN A 47 -2.60 4.81 -4.89
CA GLN A 47 -2.88 6.24 -4.86
C GLN A 47 -4.32 6.51 -5.31
N MET A 48 -4.69 5.87 -6.41
CA MET A 48 -6.04 6.03 -6.94
C MET A 48 -7.08 5.37 -6.02
N SER A 49 -6.79 4.14 -5.63
CA SER A 49 -7.68 3.40 -4.77
C SER A 49 -7.77 4.07 -3.40
N ALA A 50 -6.68 4.77 -3.05
CA ALA A 50 -6.62 5.46 -1.77
C ALA A 50 -7.87 6.32 -1.62
N GLN A 51 -8.76 5.88 -0.74
CA GLN A 51 -9.99 6.60 -0.49
C GLN A 51 -9.94 7.28 0.88
N CYS A 52 -8.87 8.04 1.08
CA CYS A 52 -8.68 8.75 2.33
C CYS A 52 -8.58 10.25 2.03
N ASN A 1 -2.55 -7.70 -9.58
CA ASN A 1 -2.27 -8.10 -8.22
C ASN A 1 -1.09 -7.29 -7.69
N PRO A 2 -1.11 -7.05 -6.35
CA PRO A 2 -0.04 -6.30 -5.71
C PRO A 2 1.22 -7.14 -5.56
N GLU A 3 1.14 -8.36 -6.07
CA GLU A 3 2.27 -9.27 -6.01
C GLU A 3 3.49 -8.66 -6.71
N ASP A 4 3.21 -8.01 -7.83
CA ASP A 4 4.27 -7.36 -8.60
C ASP A 4 4.74 -6.10 -7.87
N TRP A 5 3.79 -5.46 -7.20
CA TRP A 5 4.09 -4.25 -6.46
C TRP A 5 4.24 -4.62 -4.99
N PHE A 6 4.11 -3.61 -4.14
CA PHE A 6 4.23 -3.82 -2.70
C PHE A 6 5.59 -4.41 -2.34
N THR A 7 6.28 -3.74 -1.44
CA THR A 7 7.60 -4.19 -1.01
C THR A 7 7.53 -4.71 0.43
N PRO A 8 7.48 -6.06 0.54
CA PRO A 8 7.41 -6.70 1.85
C PRO A 8 8.77 -6.66 2.55
N ASP A 9 9.73 -6.04 1.88
CA ASP A 9 11.07 -5.92 2.42
C ASP A 9 11.20 -4.59 3.16
N THR A 10 10.19 -3.75 2.98
CA THR A 10 10.18 -2.44 3.62
C THR A 10 8.76 -2.05 4.01
N CYS A 11 8.03 -3.03 4.52
CA CYS A 11 6.65 -2.80 4.94
C CYS A 11 6.45 -3.45 6.31
N ALA A 12 5.41 -3.00 7.00
CA ALA A 12 5.10 -3.53 8.31
C ALA A 12 4.65 -4.98 8.18
N TYR A 13 3.76 -5.21 7.23
CA TYR A 13 3.24 -6.55 6.99
C TYR A 13 3.97 -7.21 5.82
N GLY A 14 3.83 -8.53 5.77
CA GLY A 14 4.47 -9.29 4.71
C GLY A 14 3.44 -9.74 3.65
N ASP A 15 2.20 -9.34 3.88
CA ASP A 15 1.13 -9.69 2.98
C ASP A 15 0.79 -8.48 2.11
N SER A 16 0.62 -8.74 0.82
CA SER A 16 0.29 -7.68 -0.12
C SER A 16 -1.19 -7.35 -0.05
N ASN A 17 -1.99 -8.38 0.20
CA ASN A 17 -3.43 -8.21 0.30
C ASN A 17 -3.75 -7.33 1.52
N THR A 18 -3.23 -7.75 2.66
CA THR A 18 -3.45 -7.01 3.90
C THR A 18 -2.75 -5.65 3.84
N ALA A 19 -1.60 -5.64 3.19
CA ALA A 19 -0.81 -4.43 3.06
C ALA A 19 -1.65 -3.37 2.33
N TRP A 20 -2.08 -3.73 1.12
CA TRP A 20 -2.88 -2.83 0.32
C TRP A 20 -4.11 -2.44 1.12
N THR A 21 -4.77 -3.46 1.67
CA THR A 21 -5.97 -3.24 2.47
C THR A 21 -5.68 -2.23 3.60
N THR A 22 -4.73 -2.60 4.45
CA THR A 22 -4.36 -1.74 5.56
C THR A 22 -3.93 -0.36 5.05
N CYS A 23 -3.49 -0.34 3.80
CA CYS A 23 -3.05 0.90 3.19
C CYS A 23 -4.29 1.70 2.76
N THR A 24 -5.26 0.97 2.22
CA THR A 24 -6.49 1.59 1.78
C THR A 24 -7.48 1.74 2.94
N THR A 25 -7.03 2.46 3.97
CA THR A 25 -7.84 2.69 5.14
C THR A 25 -7.74 4.14 5.59
N PRO A 26 -8.82 4.61 6.27
CA PRO A 26 -8.87 5.98 6.76
C PRO A 26 -7.98 6.15 7.99
N GLY A 27 -7.10 7.14 7.91
CA GLY A 27 -6.19 7.42 9.01
C GLY A 27 -5.44 8.74 8.77
N GLN A 28 -4.17 8.74 9.18
CA GLN A 28 -3.35 9.92 9.03
C GLN A 28 -2.29 9.68 7.95
N THR A 29 -1.94 8.42 7.77
CA THR A 29 -0.96 8.05 6.77
C THR A 29 -1.55 7.06 5.76
N CYS A 30 -2.79 7.33 5.38
CA CYS A 30 -3.48 6.48 4.43
C CYS A 30 -2.66 6.42 3.15
N TYR A 31 -2.60 7.56 2.46
CA TYR A 31 -1.84 7.65 1.22
C TYR A 31 -0.34 7.52 1.49
N THR A 32 0.05 7.92 2.69
CA THR A 32 1.45 7.86 3.07
C THR A 32 1.93 6.41 3.10
N CYS A 33 1.01 5.51 3.43
CA CYS A 33 1.34 4.10 3.50
C CYS A 33 1.31 3.54 2.08
N CYS A 34 0.56 4.22 1.21
CA CYS A 34 0.44 3.80 -0.17
C CYS A 34 1.80 4.02 -0.86
N SER A 35 2.69 4.69 -0.14
CA SER A 35 4.02 4.97 -0.67
C SER A 35 5.08 4.27 0.20
N SER A 36 4.60 3.55 1.19
CA SER A 36 5.50 2.83 2.09
C SER A 36 5.47 1.34 1.77
N CYS A 37 4.26 0.81 1.66
CA CYS A 37 4.08 -0.61 1.36
C CYS A 37 3.93 -0.76 -0.15
N PHE A 38 4.58 0.14 -0.87
CA PHE A 38 4.52 0.11 -2.33
C PHE A 38 5.73 0.84 -2.93
N ASP A 39 5.89 0.66 -4.24
CA ASP A 39 6.98 1.29 -4.95
C ASP A 39 6.43 2.33 -5.91
N VAL A 40 6.43 1.99 -7.18
CA VAL A 40 5.93 2.89 -8.22
C VAL A 40 4.47 2.55 -8.52
N VAL A 41 4.24 1.28 -8.83
CA VAL A 41 2.90 0.82 -9.13
C VAL A 41 2.06 0.80 -7.85
N GLY A 42 2.60 0.11 -6.86
CA GLY A 42 1.92 0.00 -5.57
C GLY A 42 1.41 1.37 -5.10
N GLU A 43 2.15 2.40 -5.50
CA GLU A 43 1.79 3.75 -5.12
C GLU A 43 0.69 4.29 -6.05
N GLN A 44 1.01 4.32 -7.34
CA GLN A 44 0.08 4.81 -8.34
C GLN A 44 -1.16 3.90 -8.38
N ALA A 45 -1.00 2.71 -7.85
CA ALA A 45 -2.09 1.75 -7.82
C ALA A 45 -2.96 2.00 -6.58
N CYS A 46 -2.28 2.20 -5.45
CA CYS A 46 -2.98 2.45 -4.20
C CYS A 46 -3.50 3.88 -4.22
N GLN A 47 -2.81 4.72 -4.97
CA GLN A 47 -3.19 6.12 -5.08
C GLN A 47 -4.65 6.23 -5.54
N MET A 48 -4.98 5.43 -6.54
CA MET A 48 -6.33 5.43 -7.08
C MET A 48 -7.28 4.64 -6.18
N SER A 49 -6.71 4.10 -5.11
CA SER A 49 -7.50 3.32 -4.16
C SER A 49 -7.34 3.90 -2.75
N ALA A 50 -6.68 5.05 -2.69
CA ALA A 50 -6.45 5.70 -1.42
C ALA A 50 -7.80 6.10 -0.80
N GLN A 51 -8.42 5.13 -0.14
CA GLN A 51 -9.71 5.36 0.49
C GLN A 51 -9.52 5.96 1.88
N CYS A 52 -9.03 7.20 1.90
CA CYS A 52 -8.78 7.89 3.15
C CYS A 52 -10.03 8.70 3.49
N ASN A 1 -2.81 -9.25 -6.70
CA ASN A 1 -2.77 -8.07 -7.54
C ASN A 1 -1.52 -7.26 -7.20
N PRO A 2 -1.34 -6.98 -5.89
CA PRO A 2 -0.19 -6.22 -5.44
C PRO A 2 1.07 -7.07 -5.46
N GLU A 3 0.91 -8.32 -5.91
CA GLU A 3 2.03 -9.23 -6.00
C GLU A 3 3.15 -8.63 -6.84
N ASP A 4 2.75 -7.87 -7.84
CA ASP A 4 3.70 -7.23 -8.73
C ASP A 4 4.31 -6.01 -8.03
N TRP A 5 3.53 -5.44 -7.14
CA TRP A 5 3.98 -4.27 -6.39
C TRP A 5 4.14 -4.67 -4.92
N PHE A 6 4.01 -3.69 -4.06
CA PHE A 6 4.13 -3.91 -2.63
C PHE A 6 5.50 -4.52 -2.29
N THR A 7 6.23 -3.81 -1.44
CA THR A 7 7.55 -4.27 -1.03
C THR A 7 7.55 -4.64 0.45
N PRO A 8 7.36 -5.97 0.71
CA PRO A 8 7.34 -6.46 2.06
C PRO A 8 8.75 -6.51 2.67
N ASP A 9 9.71 -6.08 1.85
CA ASP A 9 11.09 -6.06 2.29
C ASP A 9 11.44 -4.68 2.86
N THR A 10 10.46 -3.79 2.78
CA THR A 10 10.64 -2.44 3.28
C THR A 10 9.33 -1.90 3.86
N CYS A 11 8.64 -2.78 4.58
CA CYS A 11 7.38 -2.41 5.18
C CYS A 11 7.24 -3.17 6.50
N ALA A 12 6.11 -2.97 7.16
CA ALA A 12 5.85 -3.62 8.43
C ALA A 12 5.05 -4.90 8.18
N TYR A 13 4.18 -4.83 7.20
CA TYR A 13 3.35 -5.98 6.85
C TYR A 13 4.06 -6.88 5.85
N GLY A 14 3.82 -8.18 5.98
CA GLY A 14 4.43 -9.16 5.10
C GLY A 14 3.44 -9.60 4.03
N ASP A 15 2.21 -9.12 4.14
CA ASP A 15 1.16 -9.47 3.20
C ASP A 15 0.96 -8.31 2.22
N SER A 16 0.53 -8.65 1.02
CA SER A 16 0.29 -7.65 -0.01
C SER A 16 -1.21 -7.30 -0.05
N ASN A 17 -2.02 -8.31 0.21
CA ASN A 17 -3.47 -8.12 0.21
C ASN A 17 -3.87 -7.30 1.44
N THR A 18 -3.27 -7.64 2.56
CA THR A 18 -3.56 -6.96 3.81
C THR A 18 -2.88 -5.59 3.83
N ALA A 19 -1.69 -5.54 3.26
CA ALA A 19 -0.93 -4.30 3.19
C ALA A 19 -1.74 -3.24 2.43
N TRP A 20 -2.12 -3.61 1.22
CA TRP A 20 -2.89 -2.72 0.37
C TRP A 20 -4.16 -2.33 1.13
N THR A 21 -4.85 -3.35 1.61
CA THR A 21 -6.08 -3.13 2.36
C THR A 21 -5.83 -2.18 3.53
N THR A 22 -4.92 -2.58 4.40
CA THR A 22 -4.59 -1.78 5.56
C THR A 22 -4.13 -0.38 5.13
N CYS A 23 -3.77 -0.27 3.86
CA CYS A 23 -3.31 0.99 3.31
C CYS A 23 -4.53 1.74 2.76
N THR A 24 -5.43 0.98 2.16
CA THR A 24 -6.65 1.55 1.60
C THR A 24 -7.72 1.71 2.68
N THR A 25 -7.36 2.43 3.73
CA THR A 25 -8.27 2.66 4.84
C THR A 25 -8.12 4.08 5.37
N PRO A 26 -9.19 4.56 6.05
CA PRO A 26 -9.17 5.90 6.63
C PRO A 26 -8.31 5.95 7.88
N GLY A 27 -7.38 6.90 7.87
CA GLY A 27 -6.48 7.08 9.00
C GLY A 27 -5.69 8.38 8.89
N GLN A 28 -4.47 8.34 9.39
CA GLN A 28 -3.61 9.51 9.35
C GLN A 28 -2.54 9.35 8.26
N THR A 29 -2.09 8.11 8.09
CA THR A 29 -1.08 7.81 7.10
C THR A 29 -1.60 6.76 6.12
N CYS A 30 -2.78 7.04 5.57
CA CYS A 30 -3.39 6.15 4.61
C CYS A 30 -2.54 6.13 3.34
N TYR A 31 -2.60 7.24 2.61
CA TYR A 31 -1.83 7.36 1.38
C TYR A 31 -0.34 7.46 1.68
N THR A 32 -0.03 7.77 2.92
CA THR A 32 1.36 7.89 3.34
C THR A 32 2.06 6.52 3.30
N CYS A 33 1.27 5.49 3.53
CA CYS A 33 1.79 4.13 3.51
C CYS A 33 1.67 3.58 2.08
N CYS A 34 0.85 4.26 1.30
CA CYS A 34 0.63 3.86 -0.08
C CYS A 34 1.94 4.03 -0.84
N SER A 35 2.89 4.69 -0.19
CA SER A 35 4.19 4.94 -0.80
C SER A 35 5.27 4.21 0.00
N SER A 36 4.84 3.50 1.03
CA SER A 36 5.77 2.76 1.88
C SER A 36 5.61 1.27 1.63
N CYS A 37 4.37 0.84 1.55
CA CYS A 37 4.07 -0.58 1.31
C CYS A 37 3.91 -0.79 -0.19
N PHE A 38 4.62 0.04 -0.95
CA PHE A 38 4.56 -0.05 -2.41
C PHE A 38 5.81 0.57 -3.04
N ASP A 39 5.89 0.43 -4.36
CA ASP A 39 7.02 0.97 -5.09
C ASP A 39 6.52 2.06 -6.05
N VAL A 40 6.47 1.70 -7.33
CA VAL A 40 6.02 2.63 -8.35
C VAL A 40 4.52 2.44 -8.58
N VAL A 41 4.18 1.27 -9.11
CA VAL A 41 2.79 0.95 -9.38
C VAL A 41 2.03 0.79 -8.06
N GLY A 42 2.67 0.09 -7.14
CA GLY A 42 2.07 -0.14 -5.84
C GLY A 42 1.53 1.15 -5.24
N GLU A 43 2.23 2.24 -5.55
CA GLU A 43 1.84 3.55 -5.05
C GLU A 43 0.77 4.17 -5.96
N GLN A 44 1.07 4.15 -7.26
CA GLN A 44 0.16 4.71 -8.24
C GLN A 44 -1.15 3.92 -8.25
N ALA A 45 -1.07 2.69 -7.75
CA ALA A 45 -2.23 1.82 -7.70
C ALA A 45 -3.01 2.09 -6.41
N CYS A 46 -2.26 2.31 -5.34
CA CYS A 46 -2.86 2.58 -4.04
C CYS A 46 -3.38 4.02 -4.05
N GLN A 47 -2.68 4.87 -4.79
CA GLN A 47 -3.05 6.26 -4.88
C GLN A 47 -4.50 6.39 -5.33
N MET A 48 -4.84 5.66 -6.37
CA MET A 48 -6.20 5.68 -6.91
C MET A 48 -7.18 5.06 -5.93
N SER A 49 -6.73 3.99 -5.28
CA SER A 49 -7.57 3.29 -4.31
C SER A 49 -7.39 3.91 -2.92
N ALA A 50 -6.71 5.05 -2.90
CA ALA A 50 -6.45 5.74 -1.65
C ALA A 50 -7.78 6.26 -1.08
N GLN A 51 -8.58 5.33 -0.58
CA GLN A 51 -9.87 5.67 -0.01
C GLN A 51 -9.70 6.09 1.46
N CYS A 52 -9.03 7.21 1.64
CA CYS A 52 -8.80 7.72 2.99
C CYS A 52 -9.85 8.78 3.28
N ASN A 1 -3.48 -7.52 -8.31
CA ASN A 1 -2.47 -8.35 -7.65
C ASN A 1 -1.26 -7.48 -7.31
N PRO A 2 -1.17 -7.10 -6.01
CA PRO A 2 -0.06 -6.29 -5.55
C PRO A 2 1.23 -7.11 -5.45
N GLU A 3 1.11 -8.39 -5.81
CA GLU A 3 2.25 -9.28 -5.76
C GLU A 3 3.42 -8.71 -6.58
N ASP A 4 3.06 -8.12 -7.72
CA ASP A 4 4.05 -7.54 -8.60
C ASP A 4 4.60 -6.27 -7.97
N TRP A 5 3.81 -5.69 -7.08
CA TRP A 5 4.21 -4.46 -6.41
C TRP A 5 4.35 -4.78 -4.91
N PHE A 6 4.18 -3.75 -4.11
CA PHE A 6 4.29 -3.90 -2.66
C PHE A 6 5.66 -4.45 -2.27
N THR A 7 6.33 -3.72 -1.39
CA THR A 7 7.65 -4.12 -0.93
C THR A 7 7.58 -4.57 0.53
N PRO A 8 7.56 -5.92 0.71
CA PRO A 8 7.50 -6.50 2.04
C PRO A 8 8.85 -6.39 2.75
N ASP A 9 9.84 -5.91 2.00
CA ASP A 9 11.17 -5.75 2.54
C ASP A 9 11.29 -4.39 3.23
N THR A 10 10.28 -3.55 3.00
CA THR A 10 10.25 -2.23 3.58
C THR A 10 8.82 -1.83 3.93
N CYS A 11 8.09 -2.78 4.50
CA CYS A 11 6.71 -2.54 4.87
C CYS A 11 6.49 -3.11 6.28
N ALA A 12 5.43 -2.65 6.92
CA ALA A 12 5.11 -3.09 8.25
C ALA A 12 4.63 -4.55 8.20
N TYR A 13 3.76 -4.82 7.24
CA TYR A 13 3.22 -6.16 7.06
C TYR A 13 3.97 -6.90 5.95
N GLY A 14 3.88 -8.23 6.00
CA GLY A 14 4.53 -9.06 5.02
C GLY A 14 3.54 -9.55 3.96
N ASP A 15 2.31 -9.05 4.06
CA ASP A 15 1.27 -9.43 3.13
C ASP A 15 0.95 -8.23 2.22
N SER A 16 0.70 -8.55 0.96
CA SER A 16 0.38 -7.52 -0.02
C SER A 16 -1.12 -7.21 0.02
N ASN A 17 -1.90 -8.25 0.29
CA ASN A 17 -3.35 -8.10 0.35
C ASN A 17 -3.71 -7.23 1.56
N THR A 18 -3.19 -7.64 2.71
CA THR A 18 -3.46 -6.90 3.94
C THR A 18 -2.77 -5.52 3.90
N ALA A 19 -1.62 -5.49 3.24
CA ALA A 19 -0.87 -4.26 3.12
C ALA A 19 -1.71 -3.22 2.37
N TRP A 20 -2.10 -3.60 1.16
CA TRP A 20 -2.90 -2.71 0.33
C TRP A 20 -4.17 -2.35 1.11
N THR A 21 -4.84 -3.38 1.61
CA THR A 21 -6.05 -3.17 2.38
C THR A 21 -5.80 -2.22 3.55
N THR A 22 -4.89 -2.64 4.42
CA THR A 22 -4.54 -1.84 5.58
C THR A 22 -4.11 -0.43 5.15
N CYS A 23 -3.77 -0.32 3.88
CA CYS A 23 -3.34 0.96 3.33
C CYS A 23 -4.58 1.71 2.84
N THR A 24 -5.50 0.96 2.26
CA THR A 24 -6.73 1.54 1.75
C THR A 24 -7.77 1.67 2.87
N THR A 25 -7.41 2.46 3.87
CA THR A 25 -8.30 2.67 5.00
C THR A 25 -8.05 4.05 5.63
N PRO A 26 -9.10 4.56 6.33
CA PRO A 26 -9.00 5.86 6.96
C PRO A 26 -8.16 5.78 8.24
N GLY A 27 -7.06 6.50 8.23
CA GLY A 27 -6.16 6.52 9.38
C GLY A 27 -5.26 7.76 9.34
N GLN A 28 -3.97 7.51 9.53
CA GLN A 28 -2.99 8.60 9.53
C GLN A 28 -2.09 8.48 8.31
N THR A 29 -1.88 7.25 7.87
CA THR A 29 -1.03 7.00 6.72
C THR A 29 -1.78 6.13 5.69
N CYS A 30 -2.92 6.64 5.26
CA CYS A 30 -3.73 5.93 4.29
C CYS A 30 -3.02 5.97 2.94
N TYR A 31 -2.45 7.13 2.65
CA TYR A 31 -1.72 7.32 1.40
C TYR A 31 -0.22 7.37 1.64
N THR A 32 0.15 7.71 2.87
CA THR A 32 1.56 7.80 3.23
C THR A 32 2.20 6.42 3.18
N CYS A 33 1.39 5.40 3.42
CA CYS A 33 1.87 4.04 3.41
C CYS A 33 1.77 3.51 1.97
N CYS A 34 0.94 4.18 1.19
CA CYS A 34 0.74 3.79 -0.20
C CYS A 34 2.07 4.01 -0.95
N SER A 35 2.98 4.70 -0.28
CA SER A 35 4.27 4.98 -0.87
C SER A 35 5.38 4.28 -0.08
N SER A 36 4.95 3.54 0.94
CA SER A 36 5.88 2.81 1.78
C SER A 36 5.74 1.32 1.55
N CYS A 37 4.49 0.88 1.45
CA CYS A 37 4.20 -0.53 1.23
C CYS A 37 4.02 -0.75 -0.28
N PHE A 38 4.66 0.10 -1.05
CA PHE A 38 4.58 0.01 -2.50
C PHE A 38 5.78 0.69 -3.16
N ASP A 39 5.93 0.44 -4.45
CA ASP A 39 7.02 1.02 -5.21
C ASP A 39 6.47 2.08 -6.16
N VAL A 40 6.41 1.71 -7.44
CA VAL A 40 5.91 2.61 -8.46
C VAL A 40 4.42 2.35 -8.68
N VAL A 41 4.10 1.09 -8.90
CA VAL A 41 2.72 0.68 -9.12
C VAL A 41 1.93 0.84 -7.83
N GLY A 42 2.22 -0.03 -6.88
CA GLY A 42 1.55 -0.01 -5.60
C GLY A 42 1.24 1.43 -5.17
N GLU A 43 2.12 2.33 -5.58
CA GLU A 43 1.96 3.73 -5.24
C GLU A 43 0.83 4.35 -6.07
N GLN A 44 1.04 4.35 -7.39
CA GLN A 44 0.05 4.91 -8.30
C GLN A 44 -1.20 4.02 -8.32
N ALA A 45 -1.03 2.82 -7.82
CA ALA A 45 -2.15 1.87 -7.77
C ALA A 45 -2.97 2.11 -6.51
N CYS A 46 -2.26 2.32 -5.41
CA CYS A 46 -2.91 2.57 -4.13
C CYS A 46 -3.47 3.99 -4.14
N GLN A 47 -2.74 4.87 -4.81
CA GLN A 47 -3.13 6.27 -4.91
C GLN A 47 -4.56 6.37 -5.44
N MET A 48 -4.88 5.50 -6.38
CA MET A 48 -6.20 5.47 -6.99
C MET A 48 -7.22 4.84 -6.04
N SER A 49 -6.71 4.00 -5.15
CA SER A 49 -7.56 3.31 -4.19
C SER A 49 -7.70 4.16 -2.92
N ALA A 50 -6.69 4.97 -2.67
CA ALA A 50 -6.69 5.83 -1.50
C ALA A 50 -8.05 6.52 -1.38
N GLN A 51 -8.87 5.99 -0.48
CA GLN A 51 -10.20 6.55 -0.27
C GLN A 51 -10.33 7.07 1.17
N CYS A 52 -9.39 7.92 1.54
CA CYS A 52 -9.38 8.50 2.88
C CYS A 52 -9.05 9.98 2.76
N ASN A 1 -2.14 -7.52 -9.64
CA ASN A 1 -2.16 -7.63 -8.19
C ASN A 1 -0.93 -6.94 -7.60
N PRO A 2 -0.91 -6.85 -6.25
CA PRO A 2 0.20 -6.22 -5.55
C PRO A 2 1.44 -7.13 -5.55
N GLU A 3 1.28 -8.28 -6.18
CA GLU A 3 2.38 -9.24 -6.26
C GLU A 3 3.59 -8.62 -6.95
N ASP A 4 3.29 -7.82 -7.98
CA ASP A 4 4.34 -7.17 -8.74
C ASP A 4 4.82 -5.93 -7.97
N TRP A 5 3.89 -5.33 -7.25
CA TRP A 5 4.20 -4.14 -6.46
C TRP A 5 4.32 -4.56 -5.00
N PHE A 6 4.08 -3.61 -4.12
CA PHE A 6 4.16 -3.85 -2.69
C PHE A 6 5.54 -4.37 -2.31
N THR A 7 6.19 -3.62 -1.43
CA THR A 7 7.53 -3.99 -0.97
C THR A 7 7.49 -4.36 0.51
N PRO A 8 7.35 -5.68 0.77
CA PRO A 8 7.30 -6.18 2.14
C PRO A 8 8.69 -6.17 2.78
N ASP A 9 9.69 -5.96 1.93
CA ASP A 9 11.06 -5.92 2.40
C ASP A 9 11.32 -4.60 3.11
N THR A 10 10.33 -3.72 3.04
CA THR A 10 10.44 -2.42 3.68
C THR A 10 9.08 -1.97 4.22
N CYS A 11 8.36 -2.94 4.78
CA CYS A 11 7.05 -2.67 5.33
C CYS A 11 6.81 -3.64 6.50
N ALA A 12 5.82 -3.29 7.32
CA ALA A 12 5.47 -4.13 8.46
C ALA A 12 4.30 -5.03 8.10
N TYR A 13 4.45 -5.73 6.99
CA TYR A 13 3.41 -6.63 6.53
C TYR A 13 4.02 -7.86 5.84
N GLY A 14 3.37 -9.00 6.05
CA GLY A 14 3.84 -10.24 5.45
C GLY A 14 3.05 -10.56 4.17
N ASP A 15 1.81 -10.11 4.16
CA ASP A 15 0.94 -10.35 3.01
C ASP A 15 0.82 -9.05 2.21
N SER A 16 0.58 -9.22 0.91
CA SER A 16 0.43 -8.08 0.02
C SER A 16 -1.02 -7.60 0.01
N ASN A 17 -1.93 -8.56 0.08
CA ASN A 17 -3.34 -8.25 0.09
C ASN A 17 -3.69 -7.46 1.35
N THR A 18 -3.09 -7.89 2.46
CA THR A 18 -3.32 -7.23 3.73
C THR A 18 -2.66 -5.85 3.76
N ALA A 19 -1.45 -5.80 3.21
CA ALA A 19 -0.70 -4.56 3.16
C ALA A 19 -1.54 -3.50 2.44
N TRP A 20 -1.92 -3.81 1.22
CA TRP A 20 -2.73 -2.90 0.42
C TRP A 20 -3.97 -2.55 1.23
N THR A 21 -4.64 -3.58 1.72
CA THR A 21 -5.85 -3.39 2.49
C THR A 21 -5.58 -2.44 3.67
N THR A 22 -4.58 -2.80 4.46
CA THR A 22 -4.21 -1.99 5.61
C THR A 22 -3.76 -0.60 5.17
N CYS A 23 -3.41 -0.50 3.90
CA CYS A 23 -2.97 0.76 3.33
C CYS A 23 -4.20 1.60 2.98
N THR A 24 -5.20 0.91 2.44
CA THR A 24 -6.43 1.57 2.05
C THR A 24 -7.37 1.70 3.25
N THR A 25 -6.88 2.37 4.28
CA THR A 25 -7.66 2.58 5.48
C THR A 25 -7.59 4.04 5.93
N PRO A 26 -8.62 4.45 6.73
CA PRO A 26 -8.68 5.81 7.23
C PRO A 26 -7.67 6.02 8.36
N GLY A 27 -6.87 7.07 8.21
CA GLY A 27 -5.86 7.40 9.20
C GLY A 27 -5.14 8.70 8.85
N GLN A 28 -3.95 8.85 9.39
CA GLN A 28 -3.15 10.04 9.14
C GLN A 28 -2.13 9.78 8.03
N THR A 29 -1.95 8.50 7.73
CA THR A 29 -1.01 8.10 6.70
C THR A 29 -1.66 7.09 5.75
N CYS A 30 -2.87 7.40 5.35
CA CYS A 30 -3.61 6.52 4.46
C CYS A 30 -2.87 6.48 3.11
N TYR A 31 -2.80 7.65 2.48
CA TYR A 31 -2.13 7.76 1.20
C TYR A 31 -0.61 7.65 1.36
N THR A 32 -0.15 7.95 2.56
CA THR A 32 1.26 7.89 2.87
C THR A 32 1.75 6.44 2.86
N CYS A 33 0.92 5.56 3.42
CA CYS A 33 1.25 4.15 3.49
C CYS A 33 1.22 3.58 2.07
N CYS A 34 0.43 4.24 1.23
CA CYS A 34 0.30 3.81 -0.16
C CYS A 34 1.64 4.04 -0.86
N SER A 35 2.53 4.72 -0.17
CA SER A 35 3.84 5.02 -0.70
C SER A 35 4.92 4.33 0.15
N SER A 36 4.46 3.60 1.15
CA SER A 36 5.37 2.90 2.03
C SER A 36 5.32 1.39 1.75
N CYS A 37 4.09 0.90 1.60
CA CYS A 37 3.88 -0.51 1.33
C CYS A 37 3.79 -0.70 -0.18
N PHE A 38 4.47 0.19 -0.90
CA PHE A 38 4.48 0.13 -2.36
C PHE A 38 5.69 0.86 -2.93
N ASP A 39 5.86 0.74 -4.24
CA ASP A 39 6.97 1.37 -4.92
C ASP A 39 6.43 2.47 -5.84
N VAL A 40 6.47 2.18 -7.13
CA VAL A 40 5.99 3.14 -8.12
C VAL A 40 4.54 2.80 -8.49
N VAL A 41 4.34 1.57 -8.90
CA VAL A 41 3.01 1.12 -9.29
C VAL A 41 2.15 0.96 -8.04
N GLY A 42 2.68 0.22 -7.07
CA GLY A 42 1.97 -0.01 -5.83
C GLY A 42 1.41 1.30 -5.27
N GLU A 43 2.12 2.37 -5.56
CA GLU A 43 1.70 3.69 -5.10
C GLU A 43 0.64 4.27 -6.03
N GLN A 44 0.98 4.31 -7.31
CA GLN A 44 0.07 4.84 -8.31
C GLN A 44 -1.19 3.97 -8.39
N ALA A 45 -1.06 2.74 -7.94
CA ALA A 45 -2.17 1.81 -7.95
C ALA A 45 -2.99 2.00 -6.67
N CYS A 46 -2.29 2.20 -5.58
CA CYS A 46 -2.94 2.38 -4.29
C CYS A 46 -3.54 3.79 -4.25
N GLN A 47 -2.91 4.69 -5.00
CA GLN A 47 -3.37 6.06 -5.06
C GLN A 47 -4.84 6.10 -5.47
N MET A 48 -5.19 5.25 -6.42
CA MET A 48 -6.56 5.18 -6.91
C MET A 48 -7.49 4.59 -5.85
N SER A 49 -6.96 3.62 -5.12
CA SER A 49 -7.73 2.97 -4.07
C SER A 49 -7.77 3.85 -2.82
N ALA A 50 -6.76 4.70 -2.70
CA ALA A 50 -6.66 5.60 -1.57
C ALA A 50 -8.03 6.25 -1.32
N GLN A 51 -8.73 5.72 -0.33
CA GLN A 51 -10.04 6.24 0.02
C GLN A 51 -9.94 7.16 1.25
N CYS A 52 -9.06 8.14 1.13
CA CYS A 52 -8.87 9.09 2.21
C CYS A 52 -9.13 10.50 1.68
N ASN A 1 -3.04 -7.06 -9.32
CA ASN A 1 -2.65 -7.59 -8.02
C ASN A 1 -1.34 -6.92 -7.57
N PRO A 2 -1.26 -6.66 -6.24
CA PRO A 2 -0.09 -6.03 -5.67
C PRO A 2 1.07 -7.01 -5.57
N GLU A 3 0.82 -8.23 -6.04
CA GLU A 3 1.83 -9.27 -6.02
C GLU A 3 3.05 -8.84 -6.84
N ASP A 4 2.79 -8.01 -7.85
CA ASP A 4 3.85 -7.53 -8.71
C ASP A 4 4.43 -6.24 -8.12
N TRP A 5 3.73 -5.71 -7.13
CA TRP A 5 4.18 -4.49 -6.47
C TRP A 5 4.24 -4.77 -4.97
N PHE A 6 4.05 -3.70 -4.20
CA PHE A 6 4.08 -3.81 -2.75
C PHE A 6 5.43 -4.36 -2.27
N THR A 7 6.02 -3.63 -1.32
CA THR A 7 7.30 -4.03 -0.77
C THR A 7 7.14 -4.52 0.68
N PRO A 8 7.12 -5.87 0.82
CA PRO A 8 6.97 -6.48 2.13
C PRO A 8 8.27 -6.38 2.93
N ASP A 9 9.26 -5.75 2.31
CA ASP A 9 10.55 -5.58 2.96
C ASP A 9 10.59 -4.22 3.67
N THR A 10 9.61 -3.40 3.35
CA THR A 10 9.52 -2.08 3.95
C THR A 10 8.05 -1.70 4.19
N CYS A 11 7.30 -2.66 4.69
CA CYS A 11 5.89 -2.43 4.97
C CYS A 11 5.58 -3.00 6.36
N ALA A 12 4.40 -2.65 6.86
CA ALA A 12 3.97 -3.11 8.17
C ALA A 12 3.83 -4.63 8.14
N TYR A 13 3.40 -5.13 7.00
CA TYR A 13 3.22 -6.57 6.82
C TYR A 13 4.07 -7.09 5.68
N GLY A 14 4.07 -8.41 5.55
CA GLY A 14 4.84 -9.07 4.49
C GLY A 14 3.94 -9.47 3.33
N ASP A 15 2.64 -9.27 3.52
CA ASP A 15 1.67 -9.60 2.50
C ASP A 15 1.27 -8.34 1.74
N SER A 16 0.98 -8.52 0.46
CA SER A 16 0.59 -7.40 -0.38
C SER A 16 -0.90 -7.12 -0.20
N ASN A 17 -1.64 -8.16 0.15
CA ASN A 17 -3.07 -8.03 0.36
C ASN A 17 -3.33 -7.26 1.65
N THR A 18 -2.92 -7.87 2.76
CA THR A 18 -3.10 -7.26 4.06
C THR A 18 -2.47 -5.86 4.08
N ALA A 19 -1.36 -5.74 3.38
CA ALA A 19 -0.65 -4.47 3.31
C ALA A 19 -1.52 -3.45 2.59
N TRP A 20 -1.86 -3.77 1.35
CA TRP A 20 -2.69 -2.88 0.55
C TRP A 20 -3.97 -2.59 1.33
N THR A 21 -4.49 -3.64 1.95
CA THR A 21 -5.72 -3.50 2.73
C THR A 21 -5.52 -2.47 3.85
N THR A 22 -4.44 -2.65 4.59
CA THR A 22 -4.13 -1.75 5.69
C THR A 22 -3.75 -0.37 5.15
N CYS A 23 -3.39 -0.34 3.88
CA CYS A 23 -3.01 0.91 3.24
C CYS A 23 -4.29 1.63 2.80
N THR A 24 -5.22 0.85 2.28
CA THR A 24 -6.49 1.40 1.82
C THR A 24 -7.46 1.52 2.99
N THR A 25 -7.03 2.22 4.02
CA THR A 25 -7.85 2.42 5.20
C THR A 25 -7.69 3.84 5.74
N PRO A 26 -8.71 4.29 6.52
CA PRO A 26 -8.69 5.62 7.10
C PRO A 26 -7.72 5.69 8.28
N GLY A 27 -6.82 6.66 8.21
CA GLY A 27 -5.83 6.85 9.25
C GLY A 27 -5.12 8.19 9.11
N GLN A 28 -3.84 8.19 9.45
CA GLN A 28 -3.03 9.40 9.36
C GLN A 28 -2.09 9.33 8.15
N THR A 29 -1.64 8.10 7.87
CA THR A 29 -0.74 7.88 6.75
C THR A 29 -1.33 6.85 5.80
N CYS A 30 -2.57 7.10 5.40
CA CYS A 30 -3.25 6.21 4.47
C CYS A 30 -2.52 6.24 3.14
N TYR A 31 -2.59 7.40 2.49
CA TYR A 31 -1.94 7.57 1.20
C TYR A 31 -0.42 7.49 1.33
N THR A 32 0.05 7.83 2.53
CA THR A 32 1.47 7.80 2.80
C THR A 32 1.97 6.35 2.92
N CYS A 33 1.16 5.55 3.59
CA CYS A 33 1.50 4.15 3.79
C CYS A 33 1.76 3.52 2.42
N CYS A 34 0.95 3.93 1.46
CA CYS A 34 1.07 3.42 0.10
C CYS A 34 2.49 3.71 -0.39
N SER A 35 3.01 4.85 0.02
CA SER A 35 4.35 5.26 -0.37
C SER A 35 5.38 4.51 0.47
N SER A 36 4.88 3.66 1.35
CA SER A 36 5.74 2.87 2.21
C SER A 36 5.31 1.40 2.20
N CYS A 37 4.46 1.08 1.24
CA CYS A 37 3.96 -0.28 1.11
C CYS A 37 3.87 -0.61 -0.39
N PHE A 38 4.53 0.22 -1.18
CA PHE A 38 4.54 0.01 -2.62
C PHE A 38 5.74 0.70 -3.27
N ASP A 39 5.92 0.42 -4.55
CA ASP A 39 7.03 1.01 -5.29
C ASP A 39 6.49 2.09 -6.23
N VAL A 40 6.43 1.75 -7.51
CA VAL A 40 5.94 2.69 -8.51
C VAL A 40 4.45 2.42 -8.76
N VAL A 41 4.14 1.16 -8.99
CA VAL A 41 2.77 0.76 -9.26
C VAL A 41 1.97 0.84 -7.96
N GLY A 42 2.20 -0.14 -7.09
CA GLY A 42 1.50 -0.19 -5.82
C GLY A 42 1.22 1.21 -5.29
N GLU A 43 2.16 2.11 -5.56
CA GLU A 43 2.02 3.48 -5.12
C GLU A 43 0.99 4.22 -5.98
N GLN A 44 1.26 4.27 -7.27
CA GLN A 44 0.36 4.93 -8.20
C GLN A 44 -0.95 4.16 -8.31
N ALA A 45 -0.91 2.91 -7.88
CA ALA A 45 -2.09 2.06 -7.92
C ALA A 45 -2.92 2.29 -6.66
N CYS A 46 -2.23 2.29 -5.53
CA CYS A 46 -2.89 2.49 -4.25
C CYS A 46 -3.45 3.91 -4.22
N GLN A 47 -2.84 4.78 -5.02
CA GLN A 47 -3.26 6.16 -5.09
C GLN A 47 -4.75 6.25 -5.45
N MET A 48 -5.12 5.51 -6.49
CA MET A 48 -6.49 5.49 -6.95
C MET A 48 -7.41 4.88 -5.88
N SER A 49 -6.95 3.78 -5.29
CA SER A 49 -7.70 3.10 -4.27
C SER A 49 -7.62 3.87 -2.95
N ALA A 50 -6.75 4.87 -2.94
CA ALA A 50 -6.56 5.69 -1.75
C ALA A 50 -7.89 6.35 -1.37
N GLN A 51 -8.68 5.61 -0.60
CA GLN A 51 -9.96 6.11 -0.16
C GLN A 51 -9.87 6.64 1.27
N CYS A 52 -8.96 7.58 1.47
CA CYS A 52 -8.76 8.16 2.78
C CYS A 52 -9.65 9.40 2.89
N ASN A 1 -2.94 -7.77 -9.40
CA ASN A 1 -2.66 -8.03 -8.00
C ASN A 1 -1.41 -7.26 -7.58
N PRO A 2 -1.35 -6.94 -6.26
CA PRO A 2 -0.21 -6.20 -5.72
C PRO A 2 1.01 -7.11 -5.60
N GLU A 3 0.83 -8.36 -5.99
CA GLU A 3 1.91 -9.33 -5.94
C GLU A 3 3.11 -8.85 -6.75
N ASP A 4 2.81 -8.08 -7.79
CA ASP A 4 3.85 -7.55 -8.65
C ASP A 4 4.46 -6.30 -8.00
N TRP A 5 3.63 -5.59 -7.25
CA TRP A 5 4.07 -4.40 -6.56
C TRP A 5 4.20 -4.71 -5.07
N PHE A 6 4.04 -3.68 -4.26
CA PHE A 6 4.13 -3.84 -2.82
C PHE A 6 5.50 -4.39 -2.42
N THR A 7 6.16 -3.66 -1.54
CA THR A 7 7.48 -4.07 -1.06
C THR A 7 7.43 -4.42 0.43
N PRO A 8 7.34 -5.75 0.70
CA PRO A 8 7.28 -6.24 2.06
C PRO A 8 8.66 -6.15 2.73
N ASP A 9 9.62 -5.66 1.98
CA ASP A 9 10.98 -5.51 2.47
C ASP A 9 11.13 -4.14 3.13
N THR A 10 10.15 -3.30 2.89
CA THR A 10 10.16 -1.95 3.46
C THR A 10 8.78 -1.56 3.97
N CYS A 11 8.19 -2.48 4.72
CA CYS A 11 6.86 -2.25 5.27
C CYS A 11 6.67 -3.20 6.47
N ALA A 12 5.81 -2.78 7.38
CA ALA A 12 5.53 -3.57 8.57
C ALA A 12 4.81 -4.84 8.16
N TYR A 13 4.02 -4.73 7.10
CA TYR A 13 3.25 -5.86 6.60
C TYR A 13 4.11 -6.71 5.66
N GLY A 14 3.79 -8.00 5.64
CA GLY A 14 4.52 -8.94 4.79
C GLY A 14 3.66 -9.40 3.62
N ASP A 15 2.35 -9.26 3.80
CA ASP A 15 1.41 -9.65 2.76
C ASP A 15 1.11 -8.45 1.87
N SER A 16 0.59 -8.75 0.68
CA SER A 16 0.25 -7.71 -0.27
C SER A 16 -1.24 -7.39 -0.19
N ASN A 17 -2.03 -8.45 -0.05
CA ASN A 17 -3.47 -8.29 0.04
C ASN A 17 -3.82 -7.53 1.31
N THR A 18 -3.24 -7.98 2.42
CA THR A 18 -3.48 -7.34 3.70
C THR A 18 -2.83 -5.96 3.75
N ALA A 19 -1.65 -5.88 3.13
CA ALA A 19 -0.91 -4.62 3.09
C ALA A 19 -1.75 -3.56 2.39
N TRP A 20 -2.15 -3.88 1.16
CA TRP A 20 -2.96 -2.96 0.38
C TRP A 20 -4.22 -2.63 1.19
N THR A 21 -4.86 -3.68 1.68
CA THR A 21 -6.07 -3.51 2.46
C THR A 21 -5.82 -2.58 3.64
N THR A 22 -4.73 -2.86 4.36
CA THR A 22 -4.37 -2.05 5.51
C THR A 22 -3.93 -0.66 5.07
N CYS A 23 -3.53 -0.57 3.81
CA CYS A 23 -3.09 0.70 3.25
C CYS A 23 -4.32 1.50 2.85
N THR A 24 -5.31 0.81 2.31
CA THR A 24 -6.54 1.45 1.88
C THR A 24 -7.50 1.57 3.06
N THR A 25 -7.11 2.39 4.03
CA THR A 25 -7.94 2.60 5.20
C THR A 25 -7.81 4.04 5.70
N PRO A 26 -8.86 4.49 6.44
CA PRO A 26 -8.87 5.83 6.97
C PRO A 26 -7.92 5.97 8.17
N GLY A 27 -7.07 6.99 8.11
CA GLY A 27 -6.12 7.23 9.17
C GLY A 27 -5.29 8.49 8.89
N GLN A 28 -4.05 8.46 9.37
CA GLN A 28 -3.15 9.59 9.17
C GLN A 28 -2.17 9.28 8.04
N THR A 29 -1.90 8.00 7.86
CA THR A 29 -0.97 7.57 6.82
C THR A 29 -1.67 6.60 5.86
N CYS A 30 -2.82 7.03 5.36
CA CYS A 30 -3.59 6.21 4.44
C CYS A 30 -2.86 6.21 3.08
N TYR A 31 -2.53 7.41 2.63
CA TYR A 31 -1.84 7.55 1.36
C TYR A 31 -0.33 7.44 1.53
N THR A 32 0.11 7.68 2.76
CA THR A 32 1.52 7.61 3.07
C THR A 32 1.98 6.16 3.17
N CYS A 33 1.11 5.34 3.76
CA CYS A 33 1.41 3.92 3.92
C CYS A 33 1.73 3.34 2.55
N CYS A 34 0.90 3.70 1.58
CA CYS A 34 1.09 3.22 0.21
C CYS A 34 2.48 3.65 -0.26
N SER A 35 2.91 4.80 0.24
CA SER A 35 4.22 5.32 -0.13
C SER A 35 5.31 4.60 0.66
N SER A 36 4.88 3.65 1.47
CA SER A 36 5.81 2.89 2.30
C SER A 36 5.42 1.40 2.27
N CYS A 37 4.55 1.06 1.32
CA CYS A 37 4.09 -0.31 1.19
C CYS A 37 4.01 -0.64 -0.30
N PHE A 38 4.66 0.19 -1.10
CA PHE A 38 4.67 0.01 -2.54
C PHE A 38 5.87 0.70 -3.18
N ASP A 39 6.12 0.34 -4.43
CA ASP A 39 7.23 0.92 -5.16
C ASP A 39 6.75 2.10 -6.00
N VAL A 40 6.21 1.78 -7.17
CA VAL A 40 5.70 2.80 -8.06
C VAL A 40 4.27 2.43 -8.50
N VAL A 41 4.12 1.16 -8.86
CA VAL A 41 2.82 0.66 -9.30
C VAL A 41 1.90 0.51 -8.08
N GLY A 42 2.45 -0.08 -7.04
CA GLY A 42 1.69 -0.28 -5.82
C GLY A 42 1.21 1.05 -5.23
N GLU A 43 2.09 2.04 -5.30
CA GLU A 43 1.76 3.36 -4.79
C GLU A 43 0.81 4.08 -5.74
N GLN A 44 1.19 4.08 -7.02
CA GLN A 44 0.39 4.73 -8.03
C GLN A 44 -0.96 4.02 -8.18
N ALA A 45 -0.95 2.74 -7.86
CA ALA A 45 -2.15 1.93 -7.96
C ALA A 45 -2.98 2.10 -6.67
N CYS A 46 -2.26 2.25 -5.57
CA CYS A 46 -2.90 2.43 -4.28
C CYS A 46 -3.47 3.85 -4.21
N GLN A 47 -2.81 4.75 -4.92
CA GLN A 47 -3.25 6.14 -4.95
C GLN A 47 -4.72 6.23 -5.37
N MET A 48 -5.05 5.51 -6.42
CA MET A 48 -6.41 5.50 -6.94
C MET A 48 -7.36 4.87 -5.92
N SER A 49 -6.84 3.90 -5.18
CA SER A 49 -7.64 3.21 -4.18
C SER A 49 -7.74 4.06 -2.91
N ALA A 50 -6.70 4.86 -2.70
CA ALA A 50 -6.66 5.73 -1.54
C ALA A 50 -8.00 6.45 -1.38
N GLN A 51 -8.83 5.90 -0.50
CA GLN A 51 -10.14 6.46 -0.25
C GLN A 51 -10.17 7.13 1.13
N CYS A 52 -9.23 8.04 1.33
CA CYS A 52 -9.14 8.76 2.59
C CYS A 52 -8.88 10.23 2.28
N ASN A 1 -3.10 -7.01 -9.24
CA ASN A 1 -2.36 -7.86 -8.31
C ASN A 1 -1.18 -7.08 -7.74
N PRO A 2 -1.23 -6.85 -6.40
CA PRO A 2 -0.17 -6.13 -5.72
C PRO A 2 1.07 -7.00 -5.57
N GLU A 3 0.99 -8.21 -6.09
CA GLU A 3 2.09 -9.15 -6.01
C GLU A 3 3.33 -8.55 -6.67
N ASP A 4 3.12 -7.93 -7.83
CA ASP A 4 4.22 -7.32 -8.56
C ASP A 4 4.69 -6.07 -7.82
N TRP A 5 3.74 -5.42 -7.16
CA TRP A 5 4.03 -4.22 -6.40
C TRP A 5 4.16 -4.60 -4.92
N PHE A 6 4.07 -3.59 -4.08
CA PHE A 6 4.16 -3.80 -2.64
C PHE A 6 5.49 -4.47 -2.28
N THR A 7 6.28 -3.77 -1.48
CA THR A 7 7.57 -4.29 -1.06
C THR A 7 7.54 -4.63 0.44
N PRO A 8 7.36 -5.95 0.72
CA PRO A 8 7.31 -6.41 2.10
C PRO A 8 8.71 -6.43 2.73
N ASP A 9 9.70 -6.21 1.87
CA ASP A 9 11.08 -6.20 2.32
C ASP A 9 11.38 -4.86 3.02
N THR A 10 10.55 -3.89 2.72
CA THR A 10 10.71 -2.55 3.30
C THR A 10 9.39 -2.09 3.92
N CYS A 11 8.72 -3.01 4.59
CA CYS A 11 7.45 -2.70 5.22
C CYS A 11 7.32 -3.59 6.48
N ALA A 12 6.26 -3.31 7.23
CA ALA A 12 6.01 -4.06 8.46
C ALA A 12 5.22 -5.34 8.11
N TYR A 13 4.34 -5.20 7.13
CA TYR A 13 3.53 -6.31 6.70
C TYR A 13 4.27 -7.17 5.67
N GLY A 14 3.87 -8.44 5.60
CA GLY A 14 4.49 -9.36 4.66
C GLY A 14 3.50 -9.77 3.57
N ASP A 15 2.25 -9.38 3.77
CA ASP A 15 1.20 -9.69 2.81
C ASP A 15 0.85 -8.44 2.01
N SER A 16 0.52 -8.66 0.75
CA SER A 16 0.16 -7.56 -0.12
C SER A 16 -1.32 -7.22 0.02
N ASN A 17 -2.10 -8.27 0.29
CA ASN A 17 -3.54 -8.10 0.46
C ASN A 17 -3.81 -7.25 1.71
N THR A 18 -3.27 -7.71 2.83
CA THR A 18 -3.44 -7.00 4.08
C THR A 18 -2.75 -5.64 4.03
N ALA A 19 -1.62 -5.62 3.33
CA ALA A 19 -0.85 -4.38 3.19
C ALA A 19 -1.69 -3.35 2.45
N TRP A 20 -2.10 -3.71 1.24
CA TRP A 20 -2.90 -2.82 0.42
C TRP A 20 -4.13 -2.42 1.24
N THR A 21 -4.78 -3.42 1.80
CA THR A 21 -5.97 -3.18 2.61
C THR A 21 -5.68 -2.16 3.70
N THR A 22 -4.78 -2.54 4.60
CA THR A 22 -4.40 -1.68 5.70
C THR A 22 -3.94 -0.32 5.18
N CYS A 23 -3.60 -0.29 3.89
CA CYS A 23 -3.14 0.93 3.26
C CYS A 23 -4.38 1.72 2.82
N THR A 24 -5.34 1.00 2.28
CA THR A 24 -6.57 1.62 1.80
C THR A 24 -7.57 1.75 2.95
N THR A 25 -7.13 2.41 4.01
CA THR A 25 -7.98 2.61 5.18
C THR A 25 -7.86 4.05 5.69
N PRO A 26 -8.95 4.51 6.36
CA PRO A 26 -8.98 5.86 6.90
C PRO A 26 -8.10 5.96 8.16
N GLY A 27 -7.18 6.92 8.12
CA GLY A 27 -6.28 7.12 9.25
C GLY A 27 -5.53 8.45 9.11
N GLN A 28 -4.25 8.40 9.40
CA GLN A 28 -3.41 9.58 9.31
C GLN A 28 -2.39 9.43 8.17
N THR A 29 -2.06 8.18 7.89
CA THR A 29 -1.10 7.87 6.84
C THR A 29 -1.70 6.89 5.83
N CYS A 30 -2.88 7.23 5.35
CA CYS A 30 -3.57 6.38 4.40
C CYS A 30 -2.77 6.38 3.09
N TYR A 31 -2.75 7.54 2.44
CA TYR A 31 -2.02 7.68 1.19
C TYR A 31 -0.51 7.57 1.42
N THR A 32 -0.11 7.88 2.64
CA THR A 32 1.30 7.82 3.00
C THR A 32 1.78 6.37 3.01
N CYS A 33 0.95 5.51 3.57
CA CYS A 33 1.28 4.09 3.65
C CYS A 33 1.26 3.51 2.24
N CYS A 34 0.51 4.18 1.37
CA CYS A 34 0.41 3.74 -0.02
C CYS A 34 1.74 3.99 -0.71
N SER A 35 2.63 4.67 0.01
CA SER A 35 3.95 4.97 -0.52
C SER A 35 5.03 4.27 0.31
N SER A 36 4.57 3.52 1.29
CA SER A 36 5.48 2.79 2.17
C SER A 36 5.44 1.30 1.83
N CYS A 37 4.22 0.79 1.71
CA CYS A 37 4.03 -0.63 1.40
C CYS A 37 3.88 -0.75 -0.12
N PHE A 38 4.54 0.14 -0.83
CA PHE A 38 4.48 0.13 -2.28
C PHE A 38 5.68 0.86 -2.88
N ASP A 39 5.85 0.70 -4.18
CA ASP A 39 6.95 1.33 -4.89
C ASP A 39 6.39 2.38 -5.86
N VAL A 40 6.40 2.02 -7.13
CA VAL A 40 5.90 2.91 -8.17
C VAL A 40 4.45 2.57 -8.48
N VAL A 41 4.23 1.30 -8.82
CA VAL A 41 2.89 0.83 -9.15
C VAL A 41 2.07 0.72 -7.85
N GLY A 42 2.67 0.08 -6.86
CA GLY A 42 2.02 -0.09 -5.58
C GLY A 42 1.38 1.21 -5.10
N GLU A 43 2.09 2.30 -5.34
CA GLU A 43 1.62 3.62 -4.95
C GLU A 43 0.68 4.18 -6.01
N GLN A 44 1.08 3.99 -7.27
CA GLN A 44 0.30 4.49 -8.39
C GLN A 44 -1.06 3.78 -8.44
N ALA A 45 -1.06 2.55 -7.92
CA ALA A 45 -2.28 1.76 -7.91
C ALA A 45 -3.09 2.09 -6.65
N CYS A 46 -2.38 2.18 -5.54
CA CYS A 46 -3.01 2.49 -4.27
C CYS A 46 -3.52 3.94 -4.32
N GLN A 47 -2.75 4.76 -5.03
CA GLN A 47 -3.10 6.16 -5.17
C GLN A 47 -4.53 6.30 -5.70
N MET A 48 -4.88 5.42 -6.62
CA MET A 48 -6.20 5.44 -7.21
C MET A 48 -7.24 4.90 -6.24
N SER A 49 -6.82 3.92 -5.44
CA SER A 49 -7.71 3.30 -4.47
C SER A 49 -7.56 4.01 -3.13
N ALA A 50 -6.82 5.11 -3.14
CA ALA A 50 -6.60 5.89 -1.93
C ALA A 50 -7.95 6.42 -1.43
N GLN A 51 -8.60 5.61 -0.62
CA GLN A 51 -9.89 5.99 -0.07
C GLN A 51 -9.72 6.55 1.34
N CYS A 52 -9.02 7.68 1.42
CA CYS A 52 -8.78 8.33 2.69
C CYS A 52 -9.86 9.39 2.90
N ASN A 1 -3.17 -6.58 -8.90
CA ASN A 1 -2.33 -7.59 -8.27
C ASN A 1 -1.09 -6.92 -7.68
N PRO A 2 -1.08 -6.82 -6.33
CA PRO A 2 0.04 -6.20 -5.64
C PRO A 2 1.26 -7.13 -5.62
N GLU A 3 1.08 -8.30 -6.22
CA GLU A 3 2.15 -9.27 -6.28
C GLU A 3 3.40 -8.67 -6.92
N ASP A 4 3.16 -7.89 -7.96
CA ASP A 4 4.25 -7.24 -8.67
C ASP A 4 4.75 -6.04 -7.86
N TRP A 5 3.79 -5.31 -7.30
CA TRP A 5 4.11 -4.14 -6.50
C TRP A 5 4.22 -4.59 -5.04
N PHE A 6 3.99 -3.63 -4.14
CA PHE A 6 4.06 -3.92 -2.72
C PHE A 6 5.45 -4.44 -2.34
N THR A 7 6.13 -3.68 -1.48
CA THR A 7 7.45 -4.07 -1.04
C THR A 7 7.43 -4.40 0.46
N PRO A 8 7.25 -5.72 0.75
CA PRO A 8 7.22 -6.18 2.13
C PRO A 8 8.62 -6.19 2.75
N ASP A 9 9.61 -6.07 1.88
CA ASP A 9 10.99 -6.07 2.32
C ASP A 9 11.29 -4.74 3.02
N THR A 10 10.36 -3.81 2.89
CA THR A 10 10.52 -2.51 3.50
C THR A 10 9.17 -2.02 4.07
N CYS A 11 8.47 -2.95 4.70
CA CYS A 11 7.18 -2.63 5.29
C CYS A 11 7.03 -3.46 6.58
N ALA A 12 5.96 -3.16 7.31
CA ALA A 12 5.70 -3.86 8.55
C ALA A 12 4.98 -5.17 8.24
N TYR A 13 4.09 -5.11 7.25
CA TYR A 13 3.33 -6.28 6.86
C TYR A 13 4.10 -7.10 5.82
N GLY A 14 3.84 -8.40 5.83
CA GLY A 14 4.50 -9.30 4.90
C GLY A 14 3.54 -9.76 3.80
N ASP A 15 2.26 -9.49 4.03
CA ASP A 15 1.23 -9.86 3.07
C ASP A 15 0.93 -8.67 2.16
N SER A 16 0.68 -8.97 0.90
CA SER A 16 0.38 -7.94 -0.08
C SER A 16 -1.10 -7.56 0.00
N ASN A 17 -1.93 -8.57 0.22
CA ASN A 17 -3.35 -8.35 0.32
C ASN A 17 -3.66 -7.51 1.56
N THR A 18 -3.12 -7.96 2.68
CA THR A 18 -3.32 -7.26 3.94
C THR A 18 -2.62 -5.90 3.91
N ALA A 19 -1.48 -5.87 3.24
CA ALA A 19 -0.71 -4.64 3.13
C ALA A 19 -1.56 -3.58 2.44
N TRP A 20 -1.97 -3.89 1.22
CA TRP A 20 -2.79 -2.97 0.44
C TRP A 20 -4.03 -2.63 1.27
N THR A 21 -4.66 -3.67 1.78
CA THR A 21 -5.86 -3.49 2.59
C THR A 21 -5.58 -2.55 3.76
N THR A 22 -4.59 -2.91 4.55
CA THR A 22 -4.22 -2.10 5.70
C THR A 22 -3.79 -0.70 5.24
N CYS A 23 -3.48 -0.59 3.96
CA CYS A 23 -3.07 0.68 3.39
C CYS A 23 -4.32 1.46 2.99
N THR A 24 -5.29 0.73 2.48
CA THR A 24 -6.54 1.34 2.05
C THR A 24 -7.49 1.49 3.24
N THR A 25 -7.10 2.34 4.17
CA THR A 25 -7.89 2.59 5.36
C THR A 25 -7.77 4.04 5.80
N PRO A 26 -8.80 4.52 6.54
CA PRO A 26 -8.82 5.88 7.03
C PRO A 26 -7.85 6.05 8.21
N GLY A 27 -6.92 6.98 8.04
CA GLY A 27 -5.94 7.24 9.09
C GLY A 27 -5.11 8.49 8.75
N GLN A 28 -3.94 8.56 9.37
CA GLN A 28 -3.05 9.69 9.14
C GLN A 28 -2.15 9.42 7.93
N THR A 29 -1.84 8.15 7.74
CA THR A 29 -1.00 7.75 6.62
C THR A 29 -1.77 6.84 5.67
N CYS A 30 -2.95 7.30 5.28
CA CYS A 30 -3.79 6.53 4.38
C CYS A 30 -3.11 6.48 3.01
N TYR A 31 -2.77 7.65 2.51
CA TYR A 31 -2.10 7.75 1.21
C TYR A 31 -0.59 7.60 1.36
N THR A 32 -0.11 7.90 2.56
CA THR A 32 1.30 7.80 2.85
C THR A 32 1.75 6.34 2.86
N CYS A 33 0.92 5.51 3.49
CA CYS A 33 1.22 4.09 3.59
C CYS A 33 1.19 3.50 2.18
N CYS A 34 0.42 4.15 1.32
CA CYS A 34 0.29 3.70 -0.06
C CYS A 34 1.64 3.91 -0.76
N SER A 35 2.53 4.59 -0.05
CA SER A 35 3.85 4.87 -0.60
C SER A 35 4.92 4.16 0.24
N SER A 36 4.45 3.43 1.25
CA SER A 36 5.35 2.71 2.13
C SER A 36 5.29 1.21 1.82
N CYS A 37 4.08 0.72 1.67
CA CYS A 37 3.86 -0.69 1.38
C CYS A 37 3.75 -0.85 -0.14
N PHE A 38 4.44 0.02 -0.85
CA PHE A 38 4.42 0.00 -2.30
C PHE A 38 5.64 0.71 -2.88
N ASP A 39 5.77 0.61 -4.20
CA ASP A 39 6.89 1.24 -4.89
C ASP A 39 6.36 2.34 -5.81
N VAL A 40 6.39 2.04 -7.10
CA VAL A 40 5.92 2.98 -8.10
C VAL A 40 4.47 2.66 -8.47
N VAL A 41 4.27 1.42 -8.89
CA VAL A 41 2.94 0.96 -9.28
C VAL A 41 2.08 0.81 -8.03
N GLY A 42 2.66 0.18 -7.02
CA GLY A 42 1.95 -0.05 -5.77
C GLY A 42 1.40 1.26 -5.21
N GLU A 43 2.13 2.33 -5.48
CA GLU A 43 1.72 3.65 -5.00
C GLU A 43 0.70 4.26 -5.97
N GLN A 44 1.06 4.24 -7.25
CA GLN A 44 0.20 4.80 -8.28
C GLN A 44 -1.10 3.99 -8.36
N ALA A 45 -1.02 2.75 -7.93
CA ALA A 45 -2.17 1.86 -7.95
C ALA A 45 -2.99 2.07 -6.67
N CYS A 46 -2.27 2.24 -5.57
CA CYS A 46 -2.91 2.45 -4.28
C CYS A 46 -3.44 3.89 -4.23
N GLN A 47 -2.77 4.75 -4.98
CA GLN A 47 -3.15 6.16 -5.04
C GLN A 47 -4.63 6.29 -5.41
N MET A 48 -4.96 5.78 -6.59
CA MET A 48 -6.32 5.83 -7.07
C MET A 48 -7.26 5.01 -6.18
N SER A 49 -6.65 4.25 -5.29
CA SER A 49 -7.41 3.42 -4.38
C SER A 49 -7.57 4.13 -3.03
N ALA A 50 -6.57 4.94 -2.69
CA ALA A 50 -6.60 5.68 -1.45
C ALA A 50 -7.96 6.37 -1.29
N GLN A 51 -8.77 5.82 -0.40
CA GLN A 51 -10.09 6.38 -0.16
C GLN A 51 -10.08 7.21 1.13
N CYS A 52 -9.16 8.15 1.18
CA CYS A 52 -9.04 9.02 2.34
C CYS A 52 -9.84 10.29 2.07
#